data_1OX4
#
_entry.id   1OX4
#
_cell.length_a   98.5
_cell.length_b   112.0
_cell.length_c   115.30
_cell.angle_alpha   90.00
_cell.angle_beta   90.00
_cell.angle_gamma   90.00
#
_symmetry.space_group_name_H-M   'P 21 21 21'
#
loop_
_entity.id
_entity.type
_entity.pdbx_description
1 polymer 'Imidazole glycerol phosphate synthase hisHF'
2 polymer 'Imidazole glycerol phosphate synthase hisHF'
3 non-polymer 'SULFATE ION'
4 non-polymer 'NICKEL (II) ION'
5 non-polymer 'PYROPHOSPHATE 2-'
6 water water
#
loop_
_entity_poly.entity_id
_entity_poly.type
_entity_poly.pdbx_seq_one_letter_code
_entity_poly.pdbx_strand_id
1 'polypeptide(L)'
;GSHMPVVHVIDVESGNLQSLTNAIEHLGYEVQLVKSPKDFNISGTSRLILPGVGNYGHFVDNLFNRGFEKPIREYIESGK
PIMGICVGLQALFAGSVESPKSTGLNYIDFKLSRFDDSEKPVPEIGWNSCIPSENLFFGLDPYKRYYFVHSFAAILNSEK
KKNLENDGWKIAKAKYGSEEFIAAVNKNNIFATQFHPEKSGKAGLNVIENFLKQQSPPIPNYSAEEKELLMNDYSNYGLT
RRIIACLDVRTNDQGDLVVTKGDQYDVREKSDGKGVRNLGKPVQLAQKYYQQGADEVTFLNITSFRDCPLKDTPMLEVLK
QAAKTVFVPLTVGGGIKDIVDVDGTKIPALEVASLYFRSGADKVSIGTDAVYAAEKYYELGNRGDGTSPIETISKAYGAQ
AVVISVDPKRVYVNSQADTKNKVFETEYPGPNGEKYCWYQCTIKGGRESRDLGVWELTRACEALGAGEILLNCIDKDGSN
SGYDLELIEHVKDAVKIPVIASSGAGVPEHFEEAFLKTRADACLGAGMFHRGEFTVNDVKEYLLEHGLKVRMDEE
;
A
2 'polypeptide(L)'
;GSHMPVVHVIDVESGNLQSLTNAIEHLGYEVQLVKSPKDFNISGTSRLILPGVGNYGHFVDNLFNRGFEKPIREYIESGK
PIMGI(CYD)VGLQALFAGSVESPKSTGLNYIDFKLSRFDDSEKPVPEIGWNSCIPSENLFFGLDPYKRYYFVHSFAAIL
NSEKKKNLENDGWKIAKAKYGSEEFIAAVNKNNIFATQFHPEKSGKAGLNVIENFLKQQSPPIPNYSAEEKELLMNDYSN
YGLTRRIIACLDVRTNDQGDLVVTKGDQYDVREKSDGKGVRNLGKPVQLAQKYYQQGADEVTFLNITSFRDCPLKDTPML
EVLKQAAKTVFVPLTVGGGIKDIVDVDGTKIPALEVASLYFRSGADKVSIGTDAVYAAEKYYELGNRGDGTSPIETISKA
YGAQAVVISVDPKRVYVNSQADTKNKVFETEYPGPNGEKYCWYQCTIKGGRESRDLGVWELTRACEALGAGEILLNCIDK
DGSNSGYDLELIEHVKDAVKIPVIASSGAGVPEHFEEAFLKTRADACLGAGMFHRGEFTVNDVKEYLLEHGLKVRMDEE
;
B
#
loop_
_chem_comp.id
_chem_comp.type
_chem_comp.name
_chem_comp.formula
NI non-polymer 'NICKEL (II) ION' 'Ni 2'
POP non-polymer 'PYROPHOSPHATE 2-' 'H2 O7 P2 -2'
SO4 non-polymer 'SULFATE ION' 'O4 S -2'
#
# COMPACT_ATOMS: atom_id res chain seq x y z
N GLY A 1 -8.00 -6.54 9.43
CA GLY A 1 -7.26 -7.78 9.26
C GLY A 1 -6.91 -8.03 7.81
N SER A 2 -7.62 -7.33 6.94
CA SER A 2 -7.42 -7.39 5.49
C SER A 2 -8.18 -6.25 4.86
N HIS A 3 -8.95 -5.53 5.70
CA HIS A 3 -9.75 -4.44 5.14
C HIS A 3 -8.86 -3.22 4.85
N MET A 4 -7.57 -3.31 5.19
CA MET A 4 -6.59 -2.25 4.91
C MET A 4 -5.19 -2.88 4.89
N PRO A 5 -4.25 -2.30 4.15
CA PRO A 5 -2.89 -2.87 4.08
C PRO A 5 -2.36 -3.00 5.48
N VAL A 6 -1.60 -4.07 5.76
CA VAL A 6 -1.12 -4.16 7.12
C VAL A 6 0.37 -3.91 7.18
N VAL A 7 0.77 -3.16 8.21
CA VAL A 7 2.16 -2.85 8.44
C VAL A 7 2.62 -3.52 9.72
N HIS A 8 3.68 -4.32 9.61
CA HIS A 8 4.20 -5.01 10.78
C HIS A 8 5.35 -4.19 11.34
N VAL A 9 5.27 -3.89 12.63
CA VAL A 9 6.30 -3.11 13.29
C VAL A 9 6.99 -3.94 14.37
N ILE A 10 8.29 -4.17 14.21
CA ILE A 10 9.03 -4.95 15.18
C ILE A 10 9.22 -4.14 16.45
N ASP A 11 8.55 -4.59 17.51
CA ASP A 11 8.58 -3.92 18.79
C ASP A 11 9.36 -4.69 19.85
N VAL A 12 10.49 -4.13 20.27
CA VAL A 12 11.30 -4.76 21.31
C VAL A 12 10.80 -4.26 22.66
N GLU A 13 9.71 -3.49 22.61
CA GLU A 13 9.06 -2.93 23.80
C GLU A 13 10.00 -2.09 24.66
N SER A 14 10.58 -1.06 24.07
CA SER A 14 11.48 -0.17 24.77
C SER A 14 11.47 1.16 24.02
N GLY A 15 10.97 2.20 24.68
CA GLY A 15 10.93 3.50 24.03
C GLY A 15 9.56 3.88 23.49
N ASN A 16 9.49 5.10 22.93
CA ASN A 16 8.24 5.62 22.38
C ASN A 16 7.92 5.05 21.00
N LEU A 17 6.86 4.26 20.94
CA LEU A 17 6.45 3.65 19.69
C LEU A 17 5.08 4.18 19.30
N GLN A 18 4.56 5.08 20.13
CA GLN A 18 3.26 5.70 19.90
C GLN A 18 3.23 6.49 18.60
N SER A 19 4.23 7.35 18.43
CA SER A 19 4.34 8.20 17.25
C SER A 19 4.39 7.41 15.96
N LEU A 20 5.25 6.42 15.88
CA LEU A 20 5.36 5.63 14.66
C LEU A 20 4.03 4.96 14.32
N THR A 21 3.44 4.26 15.30
CA THR A 21 2.17 3.59 15.05
C THR A 21 1.05 4.57 14.68
N ASN A 22 0.99 5.69 15.39
CA ASN A 22 -0.03 6.68 15.09
C ASN A 22 0.14 7.26 13.70
N ALA A 23 1.39 7.43 13.29
CA ALA A 23 1.67 7.97 11.96
C ALA A 23 1.15 6.99 10.90
N ILE A 24 1.52 5.72 11.04
CA ILE A 24 1.09 4.70 10.11
C ILE A 24 -0.44 4.62 10.02
N GLU A 25 -1.10 4.59 11.17
CA GLU A 25 -2.55 4.53 11.20
C GLU A 25 -3.10 5.77 10.52
N HIS A 26 -2.59 6.92 10.90
CA HIS A 26 -3.02 8.18 10.32
C HIS A 26 -2.91 8.13 8.79
N LEU A 27 -1.93 7.39 8.27
CA LEU A 27 -1.76 7.28 6.83
C LEU A 27 -2.73 6.27 6.20
N GLY A 28 -3.60 5.70 7.02
CA GLY A 28 -4.58 4.75 6.53
C GLY A 28 -4.16 3.29 6.61
N TYR A 29 -3.23 2.97 7.50
CA TYR A 29 -2.76 1.60 7.64
C TYR A 29 -3.05 0.99 9.00
N GLU A 30 -3.13 -0.34 9.03
CA GLU A 30 -3.38 -1.04 10.27
C GLU A 30 -2.02 -1.49 10.75
N VAL A 31 -1.76 -1.28 12.03
CA VAL A 31 -0.47 -1.66 12.59
C VAL A 31 -0.53 -3.00 13.31
N GLN A 32 0.39 -3.88 12.95
CA GLN A 32 0.49 -5.19 13.59
C GLN A 32 1.86 -5.24 14.28
N LEU A 33 1.85 -5.24 15.61
CA LEU A 33 3.11 -5.30 16.35
C LEU A 33 3.69 -6.70 16.35
N VAL A 34 5.01 -6.77 16.35
CA VAL A 34 5.71 -8.04 16.35
C VAL A 34 6.73 -8.04 17.49
N LYS A 35 6.29 -8.48 18.67
CA LYS A 35 7.15 -8.52 19.85
C LYS A 35 7.99 -9.79 19.88
N SER A 36 7.59 -10.77 19.08
CA SER A 36 8.28 -12.05 19.00
C SER A 36 8.22 -12.58 17.56
N PRO A 37 9.22 -13.40 17.15
CA PRO A 37 9.23 -13.96 15.79
C PRO A 37 7.98 -14.77 15.49
N LYS A 38 7.26 -15.17 16.54
CA LYS A 38 6.04 -15.93 16.39
C LYS A 38 4.88 -15.07 15.91
N ASP A 39 5.03 -13.75 16.03
CA ASP A 39 3.98 -12.81 15.65
C ASP A 39 3.90 -12.43 14.17
N PHE A 40 4.68 -13.08 13.32
CA PHE A 40 4.62 -12.77 11.89
C PHE A 40 5.34 -13.84 11.06
N ASN A 41 5.02 -13.90 9.78
CA ASN A 41 5.65 -14.87 8.88
C ASN A 41 5.98 -14.17 7.56
N ILE A 42 7.09 -14.59 6.95
CA ILE A 42 7.55 -14.01 5.70
C ILE A 42 6.46 -13.69 4.68
N SER A 43 5.87 -14.72 4.09
CA SER A 43 4.83 -14.54 3.08
C SER A 43 3.64 -13.70 3.52
N GLY A 44 3.33 -13.73 4.82
CA GLY A 44 2.20 -12.95 5.30
C GLY A 44 2.52 -11.50 5.64
N THR A 45 3.77 -11.11 5.43
CA THR A 45 4.21 -9.76 5.73
C THR A 45 4.64 -9.04 4.46
N SER A 46 4.01 -7.91 4.20
CA SER A 46 4.33 -7.12 3.02
C SER A 46 5.06 -5.80 3.32
N ARG A 47 4.90 -5.32 4.55
CA ARG A 47 5.55 -4.07 4.95
C ARG A 47 6.11 -4.21 6.35
N LEU A 48 7.43 -4.26 6.45
CA LEU A 48 8.10 -4.40 7.74
C LEU A 48 8.93 -3.17 8.12
N ILE A 49 8.70 -2.66 9.32
CA ILE A 49 9.42 -1.49 9.82
C ILE A 49 10.19 -1.86 11.08
N LEU A 50 11.48 -1.55 11.09
CA LEU A 50 12.34 -1.83 12.23
C LEU A 50 12.78 -0.55 12.94
N PRO A 51 11.95 -0.04 13.86
CA PRO A 51 12.25 1.19 14.61
C PRO A 51 13.17 0.88 15.78
N GLY A 52 14.04 1.82 16.11
CA GLY A 52 14.94 1.59 17.22
C GLY A 52 15.48 2.87 17.81
N VAL A 53 15.48 2.91 19.14
CA VAL A 53 15.98 4.06 19.88
C VAL A 53 16.90 3.55 20.98
N GLY A 54 17.79 4.40 21.47
CA GLY A 54 18.67 3.98 22.55
C GLY A 54 20.05 3.44 22.22
N ASN A 55 20.72 2.95 23.27
CA ASN A 55 22.06 2.39 23.15
C ASN A 55 22.08 1.27 22.10
N TYR A 56 23.06 1.34 21.20
CA TYR A 56 23.19 0.36 20.12
C TYR A 56 23.17 -1.10 20.59
N GLY A 57 24.08 -1.44 21.50
CA GLY A 57 24.13 -2.81 22.00
C GLY A 57 22.82 -3.24 22.64
N HIS A 58 22.27 -2.38 23.48
CA HIS A 58 21.01 -2.62 24.16
C HIS A 58 19.97 -3.13 23.14
N PHE A 59 19.75 -2.34 22.08
CA PHE A 59 18.77 -2.66 21.03
C PHE A 59 19.11 -3.90 20.22
N VAL A 60 20.38 -4.05 19.87
CA VAL A 60 20.80 -5.20 19.07
C VAL A 60 20.82 -6.49 19.90
N ASP A 61 21.15 -6.38 21.19
CA ASP A 61 21.16 -7.55 22.05
C ASP A 61 19.71 -8.01 22.13
N ASN A 62 18.84 -7.10 22.55
CA ASN A 62 17.43 -7.37 22.68
C ASN A 62 16.91 -8.03 21.40
N LEU A 63 17.07 -7.35 20.28
CA LEU A 63 16.62 -7.85 18.99
C LEU A 63 17.10 -9.25 18.68
N PHE A 64 18.42 -9.43 18.61
CA PHE A 64 19.01 -10.73 18.31
C PHE A 64 18.66 -11.84 19.32
N ASN A 65 18.56 -11.48 20.60
CA ASN A 65 18.24 -12.47 21.62
C ASN A 65 16.83 -13.02 21.46
N ARG A 66 15.93 -12.20 20.93
CA ARG A 66 14.55 -12.62 20.73
C ARG A 66 14.43 -13.43 19.44
N GLY A 67 15.57 -13.66 18.79
CA GLY A 67 15.61 -14.45 17.56
C GLY A 67 15.16 -13.78 16.27
N PHE A 68 15.25 -12.45 16.19
CA PHE A 68 14.83 -11.76 14.98
C PHE A 68 15.85 -11.73 13.84
N GLU A 69 17.10 -12.08 14.13
CA GLU A 69 18.12 -12.05 13.09
C GLU A 69 17.76 -12.89 11.86
N LYS A 70 17.51 -14.18 12.04
CA LYS A 70 17.18 -15.04 10.92
C LYS A 70 15.87 -14.60 10.24
N PRO A 71 14.81 -14.32 11.02
CA PRO A 71 13.55 -13.90 10.42
C PRO A 71 13.74 -12.61 9.57
N ILE A 72 14.53 -11.67 10.09
CA ILE A 72 14.80 -10.42 9.37
C ILE A 72 15.59 -10.67 8.09
N ARG A 73 16.65 -11.47 8.17
CA ARG A 73 17.44 -11.75 6.96
C ARG A 73 16.58 -12.45 5.92
N GLU A 74 15.79 -13.43 6.34
CA GLU A 74 14.91 -14.15 5.42
C GLU A 74 13.92 -13.19 4.75
N TYR A 75 13.35 -12.29 5.55
CA TYR A 75 12.41 -11.33 5.01
C TYR A 75 13.10 -10.49 3.94
N ILE A 76 14.29 -10.02 4.25
CA ILE A 76 15.05 -9.21 3.32
C ILE A 76 15.33 -10.01 2.04
N GLU A 77 15.61 -11.30 2.20
CA GLU A 77 15.90 -12.15 1.05
C GLU A 77 14.64 -12.39 0.23
N SER A 78 13.49 -12.24 0.86
CA SER A 78 12.23 -12.44 0.16
C SER A 78 12.05 -11.34 -0.87
N GLY A 79 12.86 -10.30 -0.77
CA GLY A 79 12.79 -9.19 -1.71
C GLY A 79 11.72 -8.15 -1.39
N LYS A 80 11.00 -8.36 -0.29
CA LYS A 80 9.95 -7.44 0.12
C LYS A 80 10.46 -6.25 0.94
N PRO A 81 9.76 -5.11 0.88
CA PRO A 81 10.09 -3.85 1.57
C PRO A 81 10.29 -3.86 3.07
N ILE A 82 11.42 -3.31 3.50
CA ILE A 82 11.71 -3.20 4.94
C ILE A 82 12.26 -1.79 5.22
N MET A 83 11.84 -1.20 6.32
CA MET A 83 12.29 0.15 6.67
C MET A 83 12.91 0.20 8.07
N GLY A 84 14.15 0.69 8.14
CA GLY A 84 14.82 0.80 9.42
C GLY A 84 14.80 2.25 9.87
N ILE A 85 14.54 2.50 11.15
CA ILE A 85 14.50 3.85 11.67
C ILE A 85 15.43 4.06 12.86
N CYS A 86 16.34 5.02 12.72
CA CYS A 86 17.33 5.39 13.74
C CYS A 86 18.24 4.19 14.09
N VAL A 87 17.97 3.49 15.19
CA VAL A 87 18.84 2.34 15.49
C VAL A 87 18.55 1.21 14.50
N GLY A 88 17.36 1.25 13.90
CA GLY A 88 16.99 0.25 12.92
C GLY A 88 17.91 0.41 11.72
N LEU A 89 18.33 1.64 11.47
CA LEU A 89 19.26 1.91 10.38
C LEU A 89 20.66 1.47 10.81
N GLN A 90 21.05 1.83 12.02
CA GLN A 90 22.37 1.47 12.52
C GLN A 90 22.52 -0.04 12.58
N ALA A 91 21.44 -0.74 12.90
CA ALA A 91 21.48 -2.20 12.99
C ALA A 91 21.89 -2.85 11.67
N LEU A 92 21.82 -2.12 10.57
CA LEU A 92 22.20 -2.66 9.25
C LEU A 92 23.71 -2.65 9.07
N PHE A 93 24.43 -2.00 9.97
CA PHE A 93 25.88 -1.91 9.86
C PHE A 93 26.61 -3.01 10.63
N ALA A 94 27.95 -2.95 10.57
CA ALA A 94 28.79 -3.94 11.23
C ALA A 94 28.74 -3.81 12.75
N GLY A 95 28.43 -2.61 13.23
CA GLY A 95 28.35 -2.38 14.66
C GLY A 95 28.43 -0.90 14.99
N SER A 96 28.71 -0.58 16.24
CA SER A 96 28.80 0.80 16.66
C SER A 96 29.74 0.96 17.83
N VAL A 97 30.60 1.97 17.77
CA VAL A 97 31.55 2.22 18.84
C VAL A 97 30.78 2.46 20.15
N GLU A 98 29.52 2.86 20.04
CA GLU A 98 28.70 3.11 21.23
C GLU A 98 28.68 1.86 22.11
N SER A 99 28.76 0.70 21.47
CA SER A 99 28.75 -0.59 22.16
C SER A 99 29.75 -1.45 21.43
N PRO A 100 31.04 -1.27 21.74
CA PRO A 100 32.16 -1.99 21.12
C PRO A 100 31.92 -3.48 20.87
N LYS A 101 31.45 -4.21 21.88
CA LYS A 101 31.21 -5.65 21.76
C LYS A 101 30.06 -6.06 20.84
N SER A 102 29.16 -5.13 20.51
CA SER A 102 28.02 -5.42 19.64
C SER A 102 28.33 -5.76 18.17
N THR A 103 27.40 -6.47 17.56
CA THR A 103 27.53 -6.87 16.16
C THR A 103 26.20 -6.60 15.44
N GLY A 104 26.26 -6.08 14.21
CA GLY A 104 25.03 -5.79 13.51
C GLY A 104 24.68 -6.80 12.42
N LEU A 105 23.75 -6.44 11.54
CA LEU A 105 23.36 -7.33 10.45
C LEU A 105 24.48 -7.31 9.41
N ASN A 106 25.33 -6.29 9.52
CA ASN A 106 26.49 -6.14 8.65
C ASN A 106 26.21 -6.11 7.14
N TYR A 107 25.11 -5.47 6.73
CA TYR A 107 24.83 -5.34 5.31
C TYR A 107 25.79 -4.28 4.77
N ILE A 108 26.21 -3.40 5.68
CA ILE A 108 27.16 -2.34 5.35
C ILE A 108 28.35 -2.62 6.27
N ASP A 109 29.50 -2.94 5.67
CA ASP A 109 30.67 -3.33 6.43
C ASP A 109 31.58 -2.32 7.13
N PHE A 110 31.00 -1.50 7.99
CA PHE A 110 31.76 -0.57 8.79
C PHE A 110 30.89 -0.12 9.95
N LYS A 111 31.51 0.36 11.02
CA LYS A 111 30.76 0.75 12.19
C LYS A 111 30.42 2.22 12.32
N LEU A 112 29.41 2.50 13.12
CA LEU A 112 29.00 3.86 13.38
C LEU A 112 29.94 4.40 14.42
N SER A 113 30.32 5.66 14.27
CA SER A 113 31.24 6.32 15.18
C SER A 113 30.59 7.57 15.74
N ARG A 114 31.15 8.09 16.82
CA ARG A 114 30.63 9.27 17.48
C ARG A 114 30.99 10.56 16.76
N PHE A 115 30.05 11.50 16.74
CA PHE A 115 30.32 12.80 16.12
C PHE A 115 31.47 13.46 16.87
N ASP A 116 32.19 14.33 16.18
CA ASP A 116 33.30 15.06 16.77
C ASP A 116 32.74 16.24 17.57
N ASP A 117 32.93 16.25 18.90
CA ASP A 117 32.39 17.36 19.68
C ASP A 117 33.37 18.51 19.94
N SER A 118 34.50 18.51 19.24
CA SER A 118 35.45 19.59 19.44
C SER A 118 34.93 20.84 18.72
N GLU A 119 34.12 20.64 17.69
CA GLU A 119 33.57 21.75 16.90
C GLU A 119 32.08 21.97 17.09
N LYS A 120 31.41 21.02 17.73
CA LYS A 120 29.98 21.17 17.86
C LYS A 120 29.43 20.34 18.99
N PRO A 121 28.19 20.61 19.39
CA PRO A 121 27.57 19.85 20.46
C PRO A 121 27.25 18.45 19.97
N VAL A 122 27.35 17.48 20.85
CA VAL A 122 27.03 16.09 20.55
C VAL A 122 26.26 15.64 21.79
N PRO A 123 25.13 14.94 21.61
CA PRO A 123 24.48 14.52 20.35
C PRO A 123 23.93 15.62 19.46
N GLU A 124 23.69 15.24 18.20
CA GLU A 124 23.08 16.14 17.24
C GLU A 124 21.62 16.06 17.62
N ILE A 125 21.00 17.20 17.86
CA ILE A 125 19.58 17.23 18.21
C ILE A 125 18.98 18.38 17.43
N GLY A 126 18.21 18.05 16.39
CA GLY A 126 17.63 19.13 15.62
C GLY A 126 17.23 18.78 14.20
N TRP A 127 16.94 19.83 13.44
CA TRP A 127 16.48 19.68 12.07
C TRP A 127 17.53 19.89 11.00
N ASN A 128 18.05 18.78 10.47
CA ASN A 128 19.05 18.86 9.43
C ASN A 128 18.42 18.50 8.09
N SER A 129 19.23 18.50 7.04
CA SER A 129 18.71 18.23 5.71
C SER A 129 19.57 17.29 4.89
N CYS A 130 18.96 16.69 3.87
CA CYS A 130 19.69 15.81 2.97
C CYS A 130 20.36 16.70 1.93
N ILE A 131 21.60 16.35 1.59
CA ILE A 131 22.35 17.12 0.61
C ILE A 131 21.80 16.82 -0.79
N PRO A 132 21.59 17.88 -1.58
CA PRO A 132 21.07 17.71 -2.95
C PRO A 132 21.86 16.63 -3.68
N SER A 133 21.14 15.73 -4.34
CA SER A 133 21.75 14.64 -5.07
C SER A 133 20.86 14.12 -6.19
N GLU A 134 21.43 13.35 -7.10
CA GLU A 134 20.71 12.76 -8.24
C GLU A 134 20.13 11.41 -7.83
N ASN A 135 20.62 10.85 -6.74
CA ASN A 135 20.15 9.54 -6.29
C ASN A 135 19.36 9.53 -4.99
N LEU A 136 18.57 10.57 -4.74
CA LEU A 136 17.76 10.58 -3.55
C LEU A 136 16.60 9.61 -3.82
N PHE A 137 15.81 9.31 -2.80
CA PHE A 137 14.73 8.34 -2.95
C PHE A 137 13.62 8.56 -1.96
N PHE A 138 12.53 7.84 -2.14
CA PHE A 138 11.34 7.93 -1.29
C PHE A 138 10.95 9.36 -0.95
N GLY A 139 11.12 10.25 -1.91
CA GLY A 139 10.75 11.64 -1.71
C GLY A 139 11.59 12.52 -0.81
N LEU A 140 12.76 12.04 -0.38
CA LEU A 140 13.63 12.85 0.47
C LEU A 140 13.92 14.16 -0.28
N ASP A 141 13.48 15.26 0.32
CA ASP A 141 13.61 16.58 -0.26
C ASP A 141 14.70 17.43 0.42
N PRO A 142 15.76 17.79 -0.31
CA PRO A 142 16.85 18.59 0.25
C PRO A 142 16.38 19.92 0.84
N TYR A 143 15.22 20.38 0.40
CA TYR A 143 14.68 21.65 0.86
C TYR A 143 13.71 21.56 2.03
N LYS A 144 13.62 20.37 2.62
CA LYS A 144 12.78 20.19 3.79
C LYS A 144 13.69 19.78 4.94
N ARG A 145 13.14 19.65 6.13
CA ARG A 145 13.93 19.26 7.30
C ARG A 145 13.40 18.02 8.01
N TYR A 146 14.32 17.21 8.54
CA TYR A 146 13.95 16.01 9.26
C TYR A 146 14.59 16.10 10.63
N TYR A 147 13.98 15.43 11.61
CA TYR A 147 14.51 15.48 12.96
C TYR A 147 15.51 14.37 13.28
N PHE A 148 16.72 14.78 13.61
CA PHE A 148 17.78 13.85 13.98
C PHE A 148 18.07 14.03 15.46
N VAL A 149 18.35 12.93 16.14
CA VAL A 149 18.66 12.97 17.56
C VAL A 149 19.56 11.76 17.82
N HIS A 150 20.86 12.00 17.80
CA HIS A 150 21.83 10.91 17.99
C HIS A 150 23.24 11.43 18.22
N SER A 151 24.06 10.61 18.86
CA SER A 151 25.46 10.97 19.12
C SER A 151 26.32 10.24 18.10
N PHE A 152 25.86 9.06 17.67
CA PHE A 152 26.59 8.23 16.73
C PHE A 152 25.97 8.22 15.34
N ALA A 153 26.81 8.09 14.33
CA ALA A 153 26.35 8.09 12.95
C ALA A 153 27.32 7.35 12.05
N ALA A 154 26.91 7.14 10.81
CA ALA A 154 27.76 6.50 9.84
C ALA A 154 28.46 7.66 9.18
N ILE A 155 29.57 8.09 9.77
CA ILE A 155 30.34 9.22 9.26
C ILE A 155 31.10 8.82 8.01
N LEU A 156 30.93 9.62 6.96
CA LEU A 156 31.51 9.34 5.66
C LEU A 156 32.77 10.08 5.24
N ASN A 157 33.49 9.43 4.33
CA ASN A 157 34.68 10.02 3.73
C ASN A 157 34.60 9.53 2.31
N SER A 158 35.41 10.08 1.43
CA SER A 158 35.39 9.70 0.03
C SER A 158 35.45 8.18 -0.20
N GLU A 159 36.32 7.49 0.51
CA GLU A 159 36.45 6.05 0.33
C GLU A 159 35.17 5.26 0.60
N LYS A 160 34.51 5.55 1.72
CA LYS A 160 33.29 4.84 2.08
C LYS A 160 32.15 5.14 1.11
N LYS A 161 32.04 6.38 0.63
CA LYS A 161 30.98 6.71 -0.31
C LYS A 161 31.19 5.96 -1.63
N LYS A 162 32.45 5.84 -2.05
CA LYS A 162 32.77 5.11 -3.28
C LYS A 162 32.46 3.63 -3.12
N ASN A 163 32.89 3.02 -2.01
CA ASN A 163 32.59 1.61 -1.82
C ASN A 163 31.08 1.39 -1.82
N LEU A 164 30.34 2.23 -1.10
CA LEU A 164 28.89 2.12 -1.04
C LEU A 164 28.26 2.18 -2.44
N GLU A 165 28.70 3.15 -3.23
CA GLU A 165 28.19 3.32 -4.61
C GLU A 165 28.49 2.06 -5.42
N ASN A 166 29.69 1.51 -5.28
CA ASN A 166 30.05 0.31 -6.01
C ASN A 166 29.31 -0.91 -5.47
N ASP A 167 28.92 -0.85 -4.20
CA ASP A 167 28.18 -1.94 -3.59
C ASP A 167 26.72 -1.83 -4.02
N GLY A 168 26.41 -0.81 -4.81
CA GLY A 168 25.04 -0.61 -5.26
C GLY A 168 24.12 0.10 -4.27
N TRP A 169 24.67 0.75 -3.25
CA TRP A 169 23.84 1.46 -2.27
C TRP A 169 23.56 2.90 -2.67
N LYS A 170 22.34 3.36 -2.43
CA LYS A 170 22.00 4.75 -2.70
C LYS A 170 22.07 5.41 -1.33
N ILE A 171 22.78 6.52 -1.25
CA ILE A 171 22.97 7.22 0.02
C ILE A 171 22.44 8.64 0.05
N ALA A 172 21.64 8.94 1.07
CA ALA A 172 21.15 10.30 1.24
C ALA A 172 22.13 10.82 2.28
N LYS A 173 22.89 11.87 1.94
CA LYS A 173 23.88 12.43 2.86
C LYS A 173 23.36 13.67 3.56
N ALA A 174 23.93 13.95 4.72
CA ALA A 174 23.60 15.13 5.50
C ALA A 174 24.93 15.55 6.10
N LYS A 175 25.01 16.79 6.57
CA LYS A 175 26.22 17.27 7.18
C LYS A 175 25.93 18.00 8.49
N TYR A 176 26.65 17.62 9.55
CA TYR A 176 26.48 18.28 10.84
C TYR A 176 27.86 18.78 11.19
N GLY A 177 28.01 20.11 11.19
CA GLY A 177 29.30 20.70 11.44
C GLY A 177 30.08 20.53 10.15
N SER A 178 31.26 19.93 10.23
CA SER A 178 32.07 19.70 9.04
C SER A 178 32.04 18.23 8.66
N GLU A 179 31.25 17.46 9.41
CA GLU A 179 31.15 16.02 9.16
C GLU A 179 29.95 15.56 8.32
N GLU A 180 30.25 14.79 7.28
CA GLU A 180 29.23 14.24 6.41
C GLU A 180 28.87 12.87 6.95
N PHE A 181 27.59 12.51 6.92
CA PHE A 181 27.18 11.22 7.43
C PHE A 181 25.93 10.73 6.71
N ILE A 182 25.64 9.44 6.84
CA ILE A 182 24.49 8.85 6.19
C ILE A 182 23.17 9.19 6.89
N ALA A 183 22.33 9.97 6.21
CA ALA A 183 21.02 10.37 6.74
C ALA A 183 20.01 9.28 6.34
N ALA A 184 20.31 8.59 5.23
CA ALA A 184 19.44 7.53 4.76
C ALA A 184 20.13 6.63 3.74
N VAL A 185 19.66 5.38 3.66
CA VAL A 185 20.20 4.41 2.71
C VAL A 185 19.10 3.71 1.95
N ASN A 186 19.45 3.18 0.78
CA ASN A 186 18.48 2.47 -0.04
C ASN A 186 19.21 1.56 -1.03
N LYS A 187 18.92 0.27 -0.96
CA LYS A 187 19.47 -0.70 -1.88
C LYS A 187 18.40 -1.77 -2.05
N ASN A 188 17.96 -1.96 -3.29
CA ASN A 188 16.90 -2.92 -3.58
C ASN A 188 15.72 -2.66 -2.65
N ASN A 189 15.36 -3.65 -1.84
CA ASN A 189 14.22 -3.54 -0.94
C ASN A 189 14.51 -2.96 0.44
N ILE A 190 15.76 -2.62 0.71
CA ILE A 190 16.12 -2.06 2.01
C ILE A 190 16.10 -0.53 2.03
N PHE A 191 15.43 0.04 3.02
CA PHE A 191 15.37 1.48 3.19
C PHE A 191 15.53 1.76 4.67
N ALA A 192 16.31 2.80 5.00
CA ALA A 192 16.49 3.17 6.40
C ALA A 192 16.86 4.64 6.54
N THR A 193 16.41 5.23 7.64
CA THR A 193 16.68 6.63 7.92
C THR A 193 17.37 6.78 9.27
N GLN A 194 18.25 7.76 9.36
CA GLN A 194 18.93 8.01 10.62
C GLN A 194 18.03 8.95 11.44
N PHE A 195 17.19 9.72 10.74
CA PHE A 195 16.27 10.63 11.40
C PHE A 195 14.96 9.94 11.67
N HIS A 196 14.14 10.56 12.51
CA HIS A 196 12.83 10.01 12.89
C HIS A 196 11.72 10.63 12.05
N PRO A 197 11.27 9.92 11.01
CA PRO A 197 10.21 10.47 10.16
C PRO A 197 8.95 10.79 10.95
N GLU A 198 8.60 9.91 11.89
CA GLU A 198 7.42 10.10 12.73
C GLU A 198 7.56 11.35 13.62
N LYS A 199 8.78 11.82 13.82
CA LYS A 199 9.01 13.00 14.63
C LYS A 199 9.35 14.18 13.73
N SER A 200 9.11 14.03 12.43
CA SER A 200 9.44 15.10 11.48
C SER A 200 8.27 15.79 10.79
N GLY A 201 7.15 15.90 11.50
CA GLY A 201 5.99 16.55 10.92
C GLY A 201 5.55 15.98 9.58
N LYS A 202 4.88 16.82 8.79
CA LYS A 202 4.37 16.42 7.48
C LYS A 202 5.46 15.89 6.55
N ALA A 203 6.65 16.47 6.63
CA ALA A 203 7.74 16.02 5.78
C ALA A 203 8.06 14.58 6.15
N GLY A 204 7.97 14.27 7.44
CA GLY A 204 8.24 12.93 7.90
C GLY A 204 7.19 11.95 7.42
N LEU A 205 5.92 12.30 7.62
CA LEU A 205 4.81 11.44 7.20
C LEU A 205 4.93 11.11 5.72
N ASN A 206 5.34 12.09 4.92
CA ASN A 206 5.50 11.86 3.49
C ASN A 206 6.49 10.74 3.23
N VAL A 207 7.57 10.71 4.01
CA VAL A 207 8.59 9.69 3.85
C VAL A 207 8.02 8.32 4.17
N ILE A 208 7.31 8.21 5.29
CA ILE A 208 6.71 6.93 5.67
C ILE A 208 5.72 6.51 4.58
N GLU A 209 4.91 7.48 4.14
CA GLU A 209 3.94 7.20 3.10
C GLU A 209 4.64 6.73 1.83
N ASN A 210 5.66 7.46 1.40
CA ASN A 210 6.37 7.08 0.20
C ASN A 210 6.95 5.67 0.34
N PHE A 211 7.35 5.31 1.56
CA PHE A 211 7.89 3.97 1.77
C PHE A 211 6.78 2.93 1.63
N LEU A 212 5.71 3.11 2.41
CA LEU A 212 4.60 2.17 2.39
C LEU A 212 4.02 1.99 0.99
N LYS A 213 4.00 3.05 0.20
CA LYS A 213 3.49 2.97 -1.16
C LYS A 213 4.58 2.69 -2.18
N GLN A 214 5.80 2.48 -1.69
CA GLN A 214 6.95 2.19 -2.55
C GLN A 214 7.01 3.14 -3.76
N GLN A 215 7.31 4.41 -3.50
CA GLN A 215 7.39 5.41 -4.54
C GLN A 215 8.35 6.53 -4.18
N SER A 216 9.04 7.03 -5.20
CA SER A 216 9.99 8.11 -5.03
C SER A 216 9.56 9.30 -5.88
N PRO A 217 8.55 10.05 -5.41
CA PRO A 217 8.09 11.21 -6.20
C PRO A 217 9.22 12.22 -6.37
N PRO A 218 9.19 12.99 -7.47
CA PRO A 218 10.25 13.99 -7.70
C PRO A 218 10.05 15.15 -6.73
N ILE A 219 11.14 15.82 -6.36
CA ILE A 219 10.98 16.95 -5.44
C ILE A 219 10.29 18.09 -6.17
N PRO A 220 9.54 18.92 -5.43
CA PRO A 220 8.84 20.05 -6.03
C PRO A 220 9.75 20.91 -6.90
N ASN A 221 9.13 21.63 -7.85
CA ASN A 221 9.90 22.49 -8.74
C ASN A 221 10.02 23.86 -8.12
N TYR A 222 10.80 23.97 -7.05
CA TYR A 222 11.00 25.25 -6.35
C TYR A 222 11.65 26.29 -7.25
N SER A 223 11.34 27.55 -6.99
CA SER A 223 11.93 28.65 -7.75
C SER A 223 13.32 28.89 -7.17
N ALA A 224 14.20 29.51 -7.93
CA ALA A 224 15.55 29.78 -7.44
C ALA A 224 15.49 30.62 -6.17
N GLU A 225 14.42 31.41 -6.04
CA GLU A 225 14.23 32.27 -4.87
C GLU A 225 13.98 31.38 -3.64
N GLU A 226 13.07 30.42 -3.80
CA GLU A 226 12.71 29.50 -2.72
C GLU A 226 13.87 28.65 -2.26
N LYS A 227 14.64 28.13 -3.22
CA LYS A 227 15.79 27.30 -2.90
C LYS A 227 16.82 28.03 -2.05
N GLU A 228 17.11 29.27 -2.43
CA GLU A 228 18.08 30.08 -1.71
C GLU A 228 17.57 30.30 -0.28
N LEU A 229 16.27 30.35 -0.15
CA LEU A 229 15.64 30.57 1.13
C LEU A 229 15.57 29.31 1.98
N LEU A 230 15.26 28.18 1.33
CA LEU A 230 15.13 26.91 2.02
C LEU A 230 16.40 26.07 2.17
N MET A 231 17.40 26.33 1.35
CA MET A 231 18.64 25.57 1.42
C MET A 231 19.33 25.70 2.78
N ASN A 232 20.16 24.71 3.09
CA ASN A 232 20.90 24.70 4.33
C ASN A 232 22.17 25.52 4.06
N ASP A 233 22.45 26.52 4.89
CA ASP A 233 23.64 27.34 4.71
C ASP A 233 24.68 26.91 5.73
N TYR A 234 24.33 25.89 6.49
CA TYR A 234 25.20 25.33 7.53
C TYR A 234 25.65 26.28 8.62
N SER A 235 24.77 27.24 8.93
CA SER A 235 25.01 28.16 10.02
C SER A 235 24.48 27.28 11.16
N ASN A 236 24.96 27.48 12.38
CA ASN A 236 24.49 26.65 13.48
C ASN A 236 24.69 25.16 13.12
N TYR A 237 25.84 24.87 12.52
CA TYR A 237 26.21 23.50 12.15
C TYR A 237 25.29 22.82 11.15
N GLY A 238 24.36 23.56 10.56
CA GLY A 238 23.46 22.96 9.61
C GLY A 238 22.08 22.70 10.19
N LEU A 239 21.93 22.92 11.50
CA LEU A 239 20.65 22.71 12.16
C LEU A 239 19.85 24.01 12.12
N THR A 240 18.54 23.90 11.96
CA THR A 240 17.69 25.09 11.94
C THR A 240 17.71 25.68 13.35
N ARG A 241 17.18 26.89 13.50
CA ARG A 241 17.09 27.51 14.82
C ARG A 241 15.84 26.90 15.44
N ARG A 242 16.04 25.99 16.39
CA ARG A 242 14.99 25.24 17.05
C ARG A 242 14.11 26.04 18.02
N ILE A 243 12.82 26.08 17.72
CA ILE A 243 11.87 26.80 18.54
C ILE A 243 11.01 25.84 19.35
N ILE A 244 11.09 25.96 20.67
CA ILE A 244 10.33 25.08 21.57
C ILE A 244 9.17 25.78 22.28
N ALA A 245 8.01 25.13 22.25
CA ALA A 245 6.82 25.65 22.92
C ALA A 245 6.64 24.82 24.18
N CYS A 246 6.45 25.49 25.30
CA CYS A 246 6.28 24.82 26.59
C CYS A 246 4.95 25.17 27.26
N LEU A 247 4.36 24.20 27.94
CA LEU A 247 3.10 24.43 28.66
C LEU A 247 3.08 23.68 29.98
N ASP A 248 2.37 24.27 30.96
CA ASP A 248 2.25 23.65 32.28
C ASP A 248 1.08 22.70 32.29
N VAL A 249 1.17 21.69 33.14
CA VAL A 249 0.09 20.72 33.30
C VAL A 249 -0.26 20.65 34.78
N ARG A 250 -1.42 21.20 35.14
CA ARG A 250 -1.87 21.23 36.54
C ARG A 250 -3.17 20.46 36.75
N THR A 251 -3.45 20.20 38.03
CA THR A 251 -4.68 19.52 38.46
C THR A 251 -5.46 20.50 39.34
N ASN A 252 -6.56 21.04 38.81
CA ASN A 252 -7.36 22.00 39.57
C ASN A 252 -8.21 21.34 40.67
N ASP A 253 -8.98 22.15 41.39
CA ASP A 253 -9.84 21.69 42.47
C ASP A 253 -10.59 20.40 42.14
N GLN A 254 -11.45 20.47 41.12
CA GLN A 254 -12.24 19.33 40.69
C GLN A 254 -11.38 18.12 40.30
N GLY A 255 -10.06 18.30 40.30
CA GLY A 255 -9.15 17.22 39.95
C GLY A 255 -8.92 17.04 38.46
N ASP A 256 -9.30 18.03 37.68
CA ASP A 256 -9.11 17.98 36.23
C ASP A 256 -7.77 18.61 35.85
N LEU A 257 -7.27 18.26 34.68
CA LEU A 257 -6.00 18.80 34.20
C LEU A 257 -6.20 20.07 33.38
N VAL A 258 -5.45 21.11 33.74
CA VAL A 258 -5.53 22.40 33.05
C VAL A 258 -4.13 22.99 32.88
N VAL A 259 -4.03 24.02 32.04
CA VAL A 259 -2.74 24.68 31.82
C VAL A 259 -2.62 25.91 32.69
N THR A 260 -3.73 26.63 32.84
CA THR A 260 -3.76 27.83 33.65
C THR A 260 -4.10 27.49 35.11
N LYS A 261 -3.59 28.29 36.03
CA LYS A 261 -3.83 28.09 37.47
C LYS A 261 -5.31 28.17 37.83
N GLY A 262 -6.16 28.64 36.91
CA GLY A 262 -7.57 28.74 37.21
C GLY A 262 -8.50 28.41 36.06
N ASP A 263 -9.06 27.19 36.08
CA ASP A 263 -9.99 26.74 35.05
C ASP A 263 -10.89 25.62 35.61
N LEU A 279 -9.05 16.43 30.57
CA LEU A 279 -7.63 16.68 30.35
C LEU A 279 -7.38 17.18 28.92
N GLY A 280 -8.44 17.62 28.26
CA GLY A 280 -8.33 18.09 26.90
C GLY A 280 -7.68 19.45 26.67
N LYS A 281 -7.49 20.22 27.73
CA LYS A 281 -6.88 21.54 27.57
C LYS A 281 -5.40 21.42 27.23
N PRO A 282 -4.63 20.65 28.01
CA PRO A 282 -3.21 20.49 27.73
C PRO A 282 -3.01 19.85 26.37
N VAL A 283 -3.85 18.85 26.06
CA VAL A 283 -3.79 18.15 24.80
C VAL A 283 -4.00 19.11 23.65
N GLN A 284 -5.12 19.82 23.68
CA GLN A 284 -5.46 20.78 22.63
C GLN A 284 -4.40 21.87 22.40
N LEU A 285 -3.85 22.41 23.49
CA LEU A 285 -2.83 23.45 23.38
C LEU A 285 -1.60 22.89 22.66
N ALA A 286 -1.18 21.69 23.05
CA ALA A 286 -0.03 21.06 22.43
C ALA A 286 -0.30 20.91 20.92
N GLN A 287 -1.52 20.54 20.58
CA GLN A 287 -1.89 20.38 19.19
C GLN A 287 -1.82 21.72 18.48
N LYS A 288 -2.29 22.76 19.15
CA LYS A 288 -2.28 24.12 18.60
C LYS A 288 -0.82 24.50 18.31
N TYR A 289 0.05 24.31 19.30
CA TYR A 289 1.46 24.62 19.18
C TYR A 289 2.05 23.94 17.95
N TYR A 290 1.81 22.62 17.85
CA TYR A 290 2.31 21.85 16.72
C TYR A 290 1.81 22.42 15.40
N GLN A 291 0.52 22.75 15.37
CA GLN A 291 -0.07 23.30 14.16
C GLN A 291 0.48 24.67 13.82
N GLN A 292 0.99 25.38 14.82
CA GLN A 292 1.56 26.71 14.60
C GLN A 292 3.07 26.70 14.42
N GLY A 293 3.62 25.54 14.05
CA GLY A 293 5.04 25.45 13.81
C GLY A 293 6.03 25.09 14.90
N ALA A 294 5.56 24.81 16.12
CA ALA A 294 6.50 24.45 17.19
C ALA A 294 7.33 23.27 16.71
N ASP A 295 8.65 23.33 16.90
CA ASP A 295 9.52 22.23 16.48
C ASP A 295 9.52 21.13 17.53
N GLU A 296 8.98 21.43 18.69
CA GLU A 296 9.00 20.48 19.79
C GLU A 296 8.09 21.05 20.88
N VAL A 297 7.44 20.16 21.64
CA VAL A 297 6.54 20.59 22.70
C VAL A 297 6.95 20.01 24.04
N THR A 298 7.10 20.87 25.04
CA THR A 298 7.50 20.43 26.37
C THR A 298 6.38 20.58 27.39
N PHE A 299 6.09 19.50 28.12
CA PHE A 299 5.06 19.52 29.16
C PHE A 299 5.73 19.56 30.53
N LEU A 300 5.36 20.56 31.33
CA LEU A 300 5.90 20.68 32.70
C LEU A 300 4.84 20.08 33.61
N ASN A 301 5.07 18.83 34.02
CA ASN A 301 4.13 18.12 34.88
C ASN A 301 4.19 18.59 36.33
N ILE A 302 3.16 19.28 36.74
CA ILE A 302 3.08 19.80 38.11
C ILE A 302 1.76 19.39 38.75
N THR A 303 1.23 18.24 38.32
CA THR A 303 -0.02 17.71 38.84
C THR A 303 0.20 17.04 40.21
N CYS A 308 -3.54 7.95 43.52
CA CYS A 308 -3.57 7.45 42.16
C CYS A 308 -2.24 6.80 41.78
N PRO A 309 -2.28 5.51 41.43
CA PRO A 309 -1.19 4.61 41.02
C PRO A 309 -0.41 5.15 39.83
N LEU A 310 0.87 4.81 39.75
CA LEU A 310 1.71 5.28 38.65
C LEU A 310 1.07 4.96 37.31
N LYS A 311 0.59 3.72 37.19
CA LYS A 311 -0.04 3.25 35.97
C LYS A 311 -1.15 4.17 35.49
N ASP A 312 -1.77 4.87 36.44
CA ASP A 312 -2.89 5.76 36.11
C ASP A 312 -2.59 7.26 36.17
N THR A 313 -1.32 7.63 36.14
CA THR A 313 -0.96 9.05 36.17
C THR A 313 -1.63 9.75 35.00
N PRO A 314 -2.38 10.82 35.29
CA PRO A 314 -3.08 11.58 34.24
C PRO A 314 -2.15 12.16 33.18
N MET A 315 -0.94 12.56 33.59
CA MET A 315 0.02 13.14 32.67
C MET A 315 0.30 12.18 31.51
N LEU A 316 0.39 10.90 31.81
CA LEU A 316 0.65 9.89 30.78
C LEU A 316 -0.44 9.89 29.70
N GLU A 317 -1.66 10.23 30.10
CA GLU A 317 -2.78 10.26 29.17
C GLU A 317 -2.69 11.48 28.24
N VAL A 318 -2.17 12.59 28.78
CA VAL A 318 -2.01 13.82 28.01
C VAL A 318 -1.05 13.51 26.85
N LEU A 319 0.07 12.91 27.20
CA LEU A 319 1.08 12.54 26.22
C LEU A 319 0.52 11.59 25.18
N LYS A 320 -0.15 10.54 25.66
CA LYS A 320 -0.73 9.54 24.78
C LYS A 320 -1.71 10.17 23.82
N GLN A 321 -2.55 11.05 24.34
CA GLN A 321 -3.54 11.72 23.50
C GLN A 321 -2.89 12.71 22.52
N ALA A 322 -1.89 13.44 22.99
CA ALA A 322 -1.19 14.42 22.16
C ALA A 322 -0.44 13.73 21.02
N ALA A 323 0.15 12.57 21.33
CA ALA A 323 0.92 11.79 20.37
C ALA A 323 0.12 11.28 19.18
N LYS A 324 -1.20 11.38 19.24
CA LYS A 324 -2.01 10.89 18.12
C LYS A 324 -1.94 11.80 16.91
N THR A 325 -1.70 13.09 17.12
CA THR A 325 -1.63 14.02 15.99
C THR A 325 -0.39 14.91 15.98
N VAL A 326 0.31 15.00 17.12
CA VAL A 326 1.51 15.84 17.19
C VAL A 326 2.76 15.07 16.81
N PHE A 327 3.18 15.23 15.56
CA PHE A 327 4.35 14.51 15.07
C PHE A 327 5.69 15.26 15.11
N VAL A 328 6.04 15.73 16.29
CA VAL A 328 7.30 16.40 16.56
C VAL A 328 7.67 15.85 17.95
N PRO A 329 8.93 16.05 18.38
CA PRO A 329 9.34 15.55 19.69
C PRO A 329 8.51 16.11 20.85
N LEU A 330 8.28 15.27 21.87
CA LEU A 330 7.56 15.70 23.06
C LEU A 330 8.50 15.52 24.24
N THR A 331 8.51 16.50 25.11
CA THR A 331 9.35 16.43 26.30
C THR A 331 8.45 16.62 27.50
N VAL A 332 8.72 15.85 28.55
CA VAL A 332 7.97 15.95 29.79
C VAL A 332 8.94 16.07 30.96
N GLY A 333 8.72 17.07 31.80
CA GLY A 333 9.59 17.28 32.94
C GLY A 333 8.79 17.36 34.22
N GLY A 334 9.23 16.66 35.25
CA GLY A 334 8.53 16.69 36.52
C GLY A 334 7.98 15.34 36.92
N GLY A 335 8.50 14.79 38.02
CA GLY A 335 8.02 13.51 38.49
C GLY A 335 8.86 12.35 38.01
N ILE A 336 9.92 12.63 37.27
CA ILE A 336 10.77 11.57 36.76
C ILE A 336 11.87 11.34 37.78
N LYS A 337 11.57 10.46 38.74
CA LYS A 337 12.52 10.15 39.82
C LYS A 337 12.11 8.82 40.45
N ASP A 338 12.89 8.33 41.41
CA ASP A 338 12.54 7.11 42.09
C ASP A 338 11.27 7.41 42.87
N ILE A 339 10.30 6.53 42.81
CA ILE A 339 9.05 6.75 43.53
C ILE A 339 8.54 5.48 44.18
N VAL A 340 7.64 5.64 45.14
CA VAL A 340 7.01 4.52 45.82
C VAL A 340 5.56 4.60 45.38
N ASP A 341 5.10 3.59 44.64
CA ASP A 341 3.73 3.59 44.14
C ASP A 341 2.72 3.55 45.28
N VAL A 342 1.44 3.56 44.92
CA VAL A 342 0.37 3.53 45.90
C VAL A 342 0.33 2.21 46.67
N ASP A 343 0.85 1.15 46.05
CA ASP A 343 0.86 -0.16 46.70
C ASP A 343 2.18 -0.42 47.44
N GLY A 344 2.99 0.62 47.60
CA GLY A 344 4.26 0.47 48.30
C GLY A 344 5.41 0.00 47.44
N THR A 345 5.11 -0.40 46.20
CA THR A 345 6.14 -0.88 45.28
C THR A 345 7.15 0.22 44.96
N LYS A 346 8.43 -0.08 45.17
CA LYS A 346 9.48 0.89 44.86
C LYS A 346 9.78 0.83 43.36
N ILE A 347 9.58 1.95 42.69
CA ILE A 347 9.81 2.04 41.25
C ILE A 347 10.92 3.05 40.96
N PRO A 348 12.05 2.57 40.44
CA PRO A 348 13.19 3.44 40.12
C PRO A 348 12.92 4.37 38.92
N ALA A 349 13.62 5.50 38.92
CA ALA A 349 13.49 6.51 37.88
C ALA A 349 13.44 5.91 36.49
N LEU A 350 14.34 4.95 36.24
CA LEU A 350 14.41 4.29 34.93
C LEU A 350 13.08 3.72 34.47
N GLU A 351 12.36 3.07 35.37
CA GLU A 351 11.09 2.47 35.01
C GLU A 351 10.01 3.53 34.85
N VAL A 352 10.09 4.60 35.63
CA VAL A 352 9.12 5.68 35.52
C VAL A 352 9.27 6.31 34.13
N ALA A 353 10.51 6.57 33.73
CA ALA A 353 10.78 7.17 32.43
C ALA A 353 10.24 6.28 31.31
N SER A 354 10.54 4.99 31.38
CA SER A 354 10.09 4.05 30.36
C SER A 354 8.58 4.14 30.21
N LEU A 355 7.90 4.37 31.32
CA LEU A 355 6.45 4.47 31.27
C LEU A 355 6.05 5.69 30.45
N TYR A 356 6.69 6.82 30.71
CA TYR A 356 6.41 8.06 29.97
C TYR A 356 6.80 7.92 28.50
N PHE A 357 7.96 7.32 28.25
CA PHE A 357 8.42 7.11 26.89
C PHE A 357 7.38 6.28 26.12
N ARG A 358 7.02 5.12 26.66
CA ARG A 358 6.05 4.27 26.01
C ARG A 358 4.70 5.00 25.86
N SER A 359 4.51 6.05 26.65
CA SER A 359 3.26 6.82 26.59
C SER A 359 3.24 7.91 25.52
N GLY A 360 4.42 8.27 25.02
CA GLY A 360 4.50 9.30 23.99
C GLY A 360 5.63 10.30 24.14
N ALA A 361 6.28 10.31 25.30
CA ALA A 361 7.39 11.22 25.53
C ALA A 361 8.62 10.72 24.80
N ASP A 362 9.46 11.65 24.33
CA ASP A 362 10.68 11.29 23.64
C ASP A 362 11.89 11.66 24.50
N LYS A 363 11.67 12.56 25.45
CA LYS A 363 12.70 13.02 26.38
C LYS A 363 12.12 13.32 27.75
N VAL A 364 12.95 13.16 28.78
CA VAL A 364 12.52 13.47 30.14
C VAL A 364 13.42 14.55 30.72
N SER A 365 12.84 15.46 31.48
CA SER A 365 13.60 16.54 32.08
C SER A 365 13.84 16.28 33.57
N ILE A 366 15.10 16.27 33.98
CA ILE A 366 15.43 16.07 35.39
C ILE A 366 15.76 17.42 36.03
N GLY A 367 15.13 17.71 37.16
CA GLY A 367 15.36 18.97 37.86
C GLY A 367 16.12 18.84 39.17
N THR A 368 15.39 18.74 40.27
CA THR A 368 16.01 18.62 41.60
C THR A 368 17.04 17.50 41.72
N ASP A 369 16.67 16.27 41.34
CA ASP A 369 17.61 15.16 41.44
C ASP A 369 18.93 15.46 40.73
N ALA A 370 18.87 16.27 39.68
CA ALA A 370 20.06 16.63 38.93
C ALA A 370 21.07 17.34 39.83
N VAL A 371 20.57 18.15 40.76
CA VAL A 371 21.45 18.87 41.69
C VAL A 371 22.07 17.90 42.70
N TYR A 372 21.25 16.99 43.23
CA TYR A 372 21.73 16.01 44.18
C TYR A 372 22.80 15.18 43.50
N ALA A 373 22.53 14.76 42.27
CA ALA A 373 23.48 13.97 41.52
C ALA A 373 24.82 14.70 41.35
N ALA A 374 24.76 15.92 40.86
CA ALA A 374 25.98 16.71 40.67
C ALA A 374 26.75 16.81 41.97
N GLU A 375 26.06 17.13 43.06
CA GLU A 375 26.70 17.27 44.37
C GLU A 375 27.41 15.98 44.76
N LYS A 376 26.69 14.86 44.67
CA LYS A 376 27.28 13.57 45.01
C LYS A 376 28.47 13.32 44.08
N TYR A 377 28.29 13.65 42.80
CA TYR A 377 29.34 13.48 41.79
C TYR A 377 30.70 14.03 42.23
N TYR A 378 30.71 15.22 42.82
CA TYR A 378 31.96 15.83 43.25
C TYR A 378 32.48 15.21 44.53
N GLU A 379 31.56 14.69 45.33
CA GLU A 379 31.91 14.05 46.59
C GLU A 379 32.71 12.79 46.30
N LEU A 380 32.36 12.12 45.20
CA LEU A 380 33.03 10.90 44.79
C LEU A 380 34.30 11.20 43.99
N GLY A 381 34.70 12.47 43.98
CA GLY A 381 35.90 12.85 43.25
C GLY A 381 35.73 12.91 41.75
N ASN A 382 34.68 13.58 41.29
CA ASN A 382 34.39 13.72 39.87
C ASN A 382 34.10 12.39 39.17
N ARG A 383 33.27 11.57 39.81
CA ARG A 383 32.89 10.28 39.25
C ARG A 383 31.44 10.00 39.69
N GLY A 384 30.77 9.09 39.00
CA GLY A 384 29.40 8.76 39.35
C GLY A 384 29.32 7.33 39.86
N ASP A 385 28.27 7.04 40.62
CA ASP A 385 28.08 5.68 41.15
C ASP A 385 27.08 4.92 40.30
N GLY A 386 26.72 5.51 39.15
CA GLY A 386 25.77 4.87 38.25
C GLY A 386 24.39 4.63 38.84
N THR A 387 24.02 5.39 39.88
CA THR A 387 22.71 5.22 40.51
C THR A 387 21.72 6.36 40.29
N SER A 388 22.20 7.48 39.74
CA SER A 388 21.34 8.63 39.50
C SER A 388 20.43 8.41 38.30
N PRO A 389 19.25 9.06 38.30
CA PRO A 389 18.28 8.92 37.20
C PRO A 389 18.96 9.31 35.88
N ILE A 390 19.92 10.23 35.96
CA ILE A 390 20.64 10.67 34.77
C ILE A 390 21.40 9.49 34.17
N GLU A 391 22.15 8.79 35.01
CA GLU A 391 22.95 7.64 34.55
C GLU A 391 22.13 6.46 34.06
N THR A 392 21.13 6.05 34.83
CA THR A 392 20.30 4.92 34.45
C THR A 392 19.50 5.15 33.17
N ILE A 393 18.90 6.33 33.05
CA ILE A 393 18.11 6.62 31.85
C ILE A 393 18.98 6.83 30.62
N SER A 394 20.08 7.55 30.75
CA SER A 394 20.93 7.79 29.60
C SER A 394 21.63 6.53 29.11
N LYS A 395 21.97 5.63 30.03
CA LYS A 395 22.64 4.40 29.64
C LYS A 395 21.69 3.47 28.88
N ALA A 396 20.42 3.51 29.25
CA ALA A 396 19.43 2.67 28.59
C ALA A 396 18.96 3.29 27.29
N TYR A 397 18.56 4.57 27.34
CA TYR A 397 18.04 5.25 26.15
C TYR A 397 18.98 6.23 25.43
N GLY A 398 20.16 6.48 25.98
CA GLY A 398 21.07 7.41 25.32
C GLY A 398 20.95 8.79 25.93
N ALA A 399 22.04 9.55 25.87
CA ALA A 399 22.06 10.91 26.43
C ALA A 399 20.94 11.77 25.85
N GLN A 400 20.69 11.60 24.55
CA GLN A 400 19.66 12.37 23.86
C GLN A 400 18.27 12.26 24.49
N ALA A 401 18.09 11.34 25.43
CA ALA A 401 16.78 11.20 26.05
C ALA A 401 16.70 11.92 27.39
N VAL A 402 17.84 12.37 27.90
CA VAL A 402 17.83 13.05 29.18
C VAL A 402 18.14 14.54 29.09
N VAL A 403 17.20 15.34 29.59
CA VAL A 403 17.33 16.79 29.61
C VAL A 403 17.46 17.27 31.05
N ILE A 404 18.37 18.22 31.30
CA ILE A 404 18.53 18.74 32.65
C ILE A 404 17.92 20.13 32.74
N SER A 405 16.93 20.28 33.60
CA SER A 405 16.30 21.58 33.78
C SER A 405 17.05 22.28 34.90
N VAL A 406 17.72 23.39 34.55
CA VAL A 406 18.51 24.17 35.50
C VAL A 406 17.83 25.49 35.86
N ASP A 407 17.77 25.79 37.16
CA ASP A 407 17.14 27.00 37.67
C ASP A 407 18.15 27.81 38.47
N PRO A 408 19.01 28.59 37.78
CA PRO A 408 20.04 29.41 38.42
C PRO A 408 19.62 30.82 38.82
N LYS A 409 20.51 31.49 39.56
CA LYS A 409 20.26 32.84 40.04
C LYS A 409 21.62 33.53 40.20
N ARG A 410 21.78 34.69 39.57
CA ARG A 410 23.04 35.42 39.66
C ARG A 410 23.41 35.85 41.09
N VAL A 411 24.71 35.75 41.38
CA VAL A 411 25.27 36.11 42.68
C VAL A 411 26.61 36.81 42.46
N TYR A 412 26.71 38.06 42.89
CA TYR A 412 27.93 38.83 42.73
C TYR A 412 28.98 38.59 43.82
N VAL A 413 30.24 38.88 43.47
CA VAL A 413 31.38 38.76 44.39
C VAL A 413 32.48 39.69 43.87
N ASN A 414 33.36 40.13 44.76
CA ASN A 414 34.45 41.03 44.37
C ASN A 414 35.44 40.37 43.42
N SER A 415 35.73 39.10 43.65
CA SER A 415 36.66 38.34 42.81
C SER A 415 36.47 36.85 43.02
N GLN A 416 37.14 36.05 42.18
CA GLN A 416 37.05 34.60 42.27
C GLN A 416 37.43 34.13 43.67
N ALA A 417 38.17 34.98 44.38
CA ALA A 417 38.64 34.67 45.72
C ALA A 417 37.53 34.61 46.77
N ASP A 418 36.32 35.05 46.41
CA ASP A 418 35.21 35.07 47.36
C ASP A 418 34.37 33.80 47.37
N THR A 419 34.59 32.90 46.42
CA THR A 419 33.81 31.67 46.37
C THR A 419 34.57 30.54 45.70
N LYS A 420 34.15 29.31 46.03
CA LYS A 420 34.78 28.12 45.46
C LYS A 420 34.32 27.93 44.00
N ASN A 421 33.08 28.33 43.74
CA ASN A 421 32.48 28.19 42.42
C ASN A 421 33.10 29.09 41.36
N LYS A 422 33.18 28.57 40.15
CA LYS A 422 33.73 29.31 39.02
C LYS A 422 32.92 30.58 38.77
N VAL A 423 33.59 31.70 38.60
CA VAL A 423 32.90 32.96 38.35
C VAL A 423 33.37 33.50 37.00
N PHE A 424 32.75 34.58 36.53
CA PHE A 424 33.16 35.18 35.27
C PHE A 424 32.93 36.69 35.29
N GLU A 425 33.78 37.42 34.58
CA GLU A 425 33.65 38.87 34.55
C GLU A 425 32.40 39.25 33.77
N THR A 426 31.49 39.95 34.44
CA THR A 426 30.24 40.37 33.82
C THR A 426 30.34 41.80 33.31
N GLU A 427 29.54 42.10 32.29
CA GLU A 427 29.50 43.43 31.71
C GLU A 427 28.69 44.37 32.60
N TYR A 428 27.93 43.79 33.54
CA TYR A 428 27.09 44.59 34.42
C TYR A 428 27.44 44.42 35.90
N PRO A 429 28.10 45.43 36.48
CA PRO A 429 28.52 45.42 37.89
C PRO A 429 27.38 45.24 38.87
N GLY A 430 27.70 44.70 40.05
CA GLY A 430 26.68 44.47 41.06
C GLY A 430 26.37 45.69 41.91
N PRO A 431 25.50 45.55 42.91
CA PRO A 431 25.11 46.65 43.79
C PRO A 431 26.30 47.44 44.33
N ASN A 432 27.39 46.73 44.65
CA ASN A 432 28.58 47.36 45.19
C ASN A 432 29.72 47.46 44.18
N GLY A 433 29.39 47.33 42.90
CA GLY A 433 30.40 47.43 41.86
C GLY A 433 31.12 46.11 41.53
N GLU A 434 30.69 45.03 42.17
CA GLU A 434 31.30 43.72 41.91
C GLU A 434 31.30 43.45 40.41
N LYS A 435 32.46 43.15 39.85
CA LYS A 435 32.57 42.90 38.41
C LYS A 435 32.59 41.42 38.02
N TYR A 436 32.41 40.55 38.99
CA TYR A 436 32.39 39.12 38.71
C TYR A 436 31.15 38.49 39.34
N CYS A 437 30.80 37.30 38.86
CA CYS A 437 29.63 36.60 39.39
C CYS A 437 29.56 35.15 38.94
N TRP A 438 28.74 34.40 39.65
CA TRP A 438 28.49 33.00 39.35
C TRP A 438 26.97 32.83 39.50
N TYR A 439 26.43 31.73 39.00
CA TYR A 439 25.00 31.50 39.14
C TYR A 439 24.76 30.34 40.08
N GLN A 440 23.99 30.58 41.13
CA GLN A 440 23.69 29.58 42.13
C GLN A 440 22.43 28.82 41.73
N CYS A 441 22.46 27.50 41.89
CA CYS A 441 21.35 26.64 41.53
C CYS A 441 20.32 26.47 42.64
N THR A 442 19.09 26.15 42.26
CA THR A 442 18.01 25.95 43.21
C THR A 442 17.33 24.61 42.92
N ILE A 443 16.51 24.16 43.86
CA ILE A 443 15.80 22.89 43.71
C ILE A 443 14.39 23.10 44.21
N LYS A 444 13.60 22.03 44.19
CA LYS A 444 12.22 22.09 44.66
C LYS A 444 11.54 23.36 44.16
N GLY A 445 11.44 23.48 42.84
CA GLY A 445 10.79 24.62 42.24
C GLY A 445 11.43 25.95 42.60
N GLY A 446 12.75 25.94 42.77
CA GLY A 446 13.46 27.16 43.11
C GLY A 446 13.21 27.68 44.52
N ARG A 447 12.66 26.84 45.39
CA ARG A 447 12.37 27.24 46.76
C ARG A 447 13.61 27.16 47.65
N GLU A 448 14.56 26.32 47.27
CA GLU A 448 15.76 26.13 48.07
C GLU A 448 17.06 26.27 47.26
N SER A 449 18.03 26.97 47.83
CA SER A 449 19.31 27.17 47.17
C SER A 449 20.33 26.12 47.59
N ARG A 450 21.38 25.96 46.80
CA ARG A 450 22.43 24.99 47.07
C ARG A 450 23.77 25.65 46.80
N ASP A 451 24.83 25.19 47.46
CA ASP A 451 26.13 25.79 47.24
C ASP A 451 26.76 25.17 46.01
N LEU A 452 26.07 25.33 44.89
CA LEU A 452 26.52 24.77 43.63
C LEU A 452 26.28 25.79 42.51
N GLY A 453 27.29 26.00 41.69
CA GLY A 453 27.14 26.93 40.58
C GLY A 453 26.58 26.18 39.38
N VAL A 454 26.03 26.91 38.42
CA VAL A 454 25.47 26.28 37.22
C VAL A 454 26.62 25.69 36.40
N TRP A 455 27.79 26.32 36.48
CA TRP A 455 28.96 25.83 35.78
C TRP A 455 29.29 24.42 36.25
N GLU A 456 29.29 24.24 37.57
CA GLU A 456 29.60 22.94 38.17
C GLU A 456 28.46 21.95 37.95
N LEU A 457 27.21 22.42 38.05
CA LEU A 457 26.08 21.53 37.88
C LEU A 457 25.97 20.93 36.47
N THR A 458 26.07 21.78 35.46
CA THR A 458 25.98 21.31 34.09
C THR A 458 27.12 20.37 33.71
N ARG A 459 28.34 20.72 34.10
CA ARG A 459 29.49 19.89 33.78
C ARG A 459 29.36 18.49 34.41
N ALA A 460 28.84 18.44 35.63
CA ALA A 460 28.66 17.17 36.32
C ALA A 460 27.59 16.32 35.64
N CYS A 461 26.46 16.94 35.33
CA CYS A 461 25.35 16.24 34.67
C CYS A 461 25.74 15.75 33.28
N GLU A 462 26.57 16.52 32.58
CA GLU A 462 27.01 16.13 31.27
C GLU A 462 27.84 14.87 31.47
N ALA A 463 28.81 14.93 32.36
CA ALA A 463 29.66 13.78 32.65
C ALA A 463 28.79 12.56 32.95
N LEU A 464 27.71 12.78 33.69
CA LEU A 464 26.79 11.71 34.06
C LEU A 464 25.92 11.13 32.94
N GLY A 465 25.88 11.79 31.78
CA GLY A 465 25.08 11.28 30.68
C GLY A 465 23.94 12.14 30.13
N ALA A 466 23.75 13.33 30.68
CA ALA A 466 22.68 14.20 30.18
C ALA A 466 23.02 14.61 28.76
N GLY A 467 22.03 14.67 27.88
CA GLY A 467 22.31 15.04 26.50
C GLY A 467 21.93 16.48 26.16
N GLU A 468 21.17 17.13 27.03
CA GLU A 468 20.73 18.48 26.76
C GLU A 468 20.51 19.27 28.06
N ILE A 469 20.71 20.59 28.00
CA ILE A 469 20.52 21.44 29.16
C ILE A 469 19.38 22.43 28.93
N LEU A 470 18.34 22.37 29.76
CA LEU A 470 17.23 23.32 29.65
C LEU A 470 17.62 24.45 30.61
N LEU A 471 18.19 25.52 30.06
CA LEU A 471 18.67 26.64 30.89
C LEU A 471 17.66 27.73 31.23
N ASN A 472 16.99 27.60 32.37
CA ASN A 472 16.05 28.62 32.79
C ASN A 472 16.85 29.68 33.53
N CYS A 473 16.16 30.70 34.01
CA CYS A 473 16.80 31.75 34.78
C CYS A 473 15.74 32.35 35.68
N ILE A 474 15.86 32.08 36.97
CA ILE A 474 14.92 32.59 37.96
C ILE A 474 14.67 34.09 37.80
N ASP A 475 15.74 34.87 37.66
CA ASP A 475 15.60 36.32 37.53
C ASP A 475 14.84 36.82 36.30
N LYS A 476 14.91 36.09 35.19
CA LYS A 476 14.22 36.54 33.98
C LYS A 476 12.89 35.83 33.75
N ASP A 477 12.63 34.78 34.50
CA ASP A 477 11.40 34.02 34.31
C ASP A 477 10.13 34.87 34.45
N GLY A 478 9.32 34.87 33.39
CA GLY A 478 8.07 35.62 33.40
C GLY A 478 8.21 37.07 33.01
N SER A 479 9.44 37.58 33.00
CA SER A 479 9.70 38.97 32.67
C SER A 479 9.37 39.45 31.24
N ASN A 480 9.43 38.55 30.26
CA ASN A 480 9.15 38.93 28.88
C ASN A 480 10.10 40.02 28.38
N SER A 481 11.31 40.07 28.94
CA SER A 481 12.29 41.08 28.54
C SER A 481 13.54 40.50 27.86
N GLY A 482 13.47 39.22 27.45
CA GLY A 482 14.61 38.61 26.81
C GLY A 482 15.39 37.65 27.71
N TYR A 483 16.29 36.90 27.11
CA TYR A 483 17.09 35.91 27.85
C TYR A 483 18.32 36.53 28.52
N ASP A 484 18.82 35.86 29.56
CA ASP A 484 20.03 36.32 30.24
C ASP A 484 21.16 35.84 29.31
N LEU A 485 21.65 36.71 28.44
CA LEU A 485 22.68 36.35 27.47
C LEU A 485 24.03 35.90 28.01
N GLU A 486 24.49 36.48 29.11
CA GLU A 486 25.78 36.07 29.67
C GLU A 486 25.66 34.69 30.29
N LEU A 487 24.46 34.38 30.77
CA LEU A 487 24.23 33.07 31.38
C LEU A 487 24.39 31.99 30.31
N ILE A 488 23.75 32.20 29.17
CA ILE A 488 23.82 31.27 28.04
C ILE A 488 25.28 31.04 27.69
N GLU A 489 26.00 32.14 27.43
CA GLU A 489 27.40 32.06 27.09
C GLU A 489 28.21 31.36 28.18
N HIS A 490 27.85 31.60 29.44
CA HIS A 490 28.55 30.98 30.57
C HIS A 490 28.39 29.47 30.54
N VAL A 491 27.17 29.01 30.29
CA VAL A 491 26.90 27.57 30.25
C VAL A 491 27.50 26.94 29.00
N LYS A 492 27.50 27.68 27.90
CA LYS A 492 28.07 27.17 26.68
C LYS A 492 29.58 26.95 26.85
N ASP A 493 30.22 27.79 27.68
CA ASP A 493 31.67 27.65 27.92
C ASP A 493 31.91 26.42 28.80
N ALA A 494 30.90 26.07 29.57
CA ALA A 494 30.98 24.95 30.50
C ALA A 494 30.81 23.56 29.92
N VAL A 495 29.79 23.36 29.09
CA VAL A 495 29.52 22.05 28.52
C VAL A 495 29.57 21.95 27.00
N LYS A 496 29.52 20.71 26.52
CA LYS A 496 29.54 20.42 25.09
C LYS A 496 28.21 19.80 24.63
N ILE A 497 27.19 19.86 25.48
CA ILE A 497 25.90 19.33 25.08
C ILE A 497 25.01 20.50 24.70
N PRO A 498 23.97 20.28 23.88
CA PRO A 498 23.10 21.39 23.48
C PRO A 498 22.56 22.15 24.68
N VAL A 499 22.48 23.47 24.56
CA VAL A 499 21.96 24.31 25.61
C VAL A 499 20.74 25.07 25.09
N ILE A 500 19.60 24.88 25.76
CA ILE A 500 18.35 25.54 25.39
C ILE A 500 18.14 26.81 26.21
N ALA A 501 17.87 27.92 25.54
CA ALA A 501 17.62 29.18 26.23
C ALA A 501 16.15 29.23 26.63
N SER A 502 15.91 29.41 27.92
CA SER A 502 14.55 29.48 28.44
C SER A 502 14.47 30.65 29.41
N SER A 503 13.26 31.10 29.73
CA SER A 503 13.06 32.20 30.66
C SER A 503 13.37 33.59 30.11
N GLY A 504 12.33 34.40 29.96
CA GLY A 504 12.49 35.76 29.49
C GLY A 504 11.93 36.07 28.12
N ALA A 505 11.74 35.05 27.29
CA ALA A 505 11.24 35.28 25.94
C ALA A 505 9.86 35.93 25.96
N GLY A 506 9.74 37.07 25.27
CA GLY A 506 8.48 37.78 25.19
C GLY A 506 8.07 38.08 23.75
N VAL A 507 9.05 38.45 22.92
CA VAL A 507 8.80 38.77 21.50
C VAL A 507 9.81 38.09 20.58
N PRO A 508 9.49 37.99 19.28
CA PRO A 508 10.37 37.36 18.30
C PRO A 508 11.80 37.85 18.38
N GLU A 509 11.97 39.16 18.56
CA GLU A 509 13.30 39.74 18.65
C GLU A 509 14.21 39.09 19.69
N HIS A 510 13.62 38.55 20.75
CA HIS A 510 14.41 37.90 21.79
C HIS A 510 15.04 36.62 21.24
N PHE A 511 14.31 35.91 20.38
CA PHE A 511 14.84 34.70 19.79
C PHE A 511 15.99 35.07 18.87
N GLU A 512 15.81 36.13 18.10
CA GLU A 512 16.84 36.57 17.16
C GLU A 512 18.10 36.94 17.90
N GLU A 513 17.94 37.72 18.97
CA GLU A 513 19.06 38.15 19.77
C GLU A 513 19.84 36.94 20.32
N ALA A 514 19.13 35.95 20.84
CA ALA A 514 19.78 34.77 21.38
C ALA A 514 20.54 34.00 20.30
N PHE A 515 19.95 33.84 19.12
CA PHE A 515 20.61 33.11 18.03
C PHE A 515 21.75 33.87 17.36
N LEU A 516 21.76 35.19 17.45
CA LEU A 516 22.83 35.97 16.84
C LEU A 516 23.88 36.45 17.81
N LYS A 517 23.49 36.70 19.06
CA LYS A 517 24.43 37.19 20.06
C LYS A 517 24.97 36.14 21.00
N THR A 518 24.41 34.93 20.96
CA THR A 518 24.89 33.86 21.82
C THR A 518 24.94 32.57 21.04
N ARG A 519 25.45 31.51 21.66
CA ARG A 519 25.57 30.21 21.03
C ARG A 519 24.45 29.27 21.45
N ALA A 520 23.33 29.83 21.91
CA ALA A 520 22.21 29.02 22.33
C ALA A 520 21.88 28.04 21.21
N ASP A 521 21.57 26.80 21.58
CA ASP A 521 21.25 25.79 20.58
C ASP A 521 19.75 25.70 20.27
N ALA A 522 18.94 26.36 21.08
CA ALA A 522 17.50 26.38 20.87
C ALA A 522 16.86 27.40 21.80
N CYS A 523 15.67 27.83 21.45
CA CYS A 523 14.96 28.78 22.27
C CYS A 523 13.59 28.25 22.63
N LEU A 524 13.22 28.40 23.90
CA LEU A 524 11.93 27.94 24.37
C LEU A 524 11.07 29.12 24.78
N GLY A 525 9.80 29.05 24.43
CA GLY A 525 8.86 30.08 24.78
C GLY A 525 7.65 29.43 25.43
N ALA A 526 7.03 30.13 26.38
CA ALA A 526 5.86 29.55 27.05
C ALA A 526 4.68 30.52 27.03
N GLY A 527 4.65 31.41 28.01
CA GLY A 527 3.59 32.39 28.12
C GLY A 527 3.28 33.17 26.86
N MET A 528 4.31 33.65 26.17
CA MET A 528 4.07 34.41 24.96
C MET A 528 3.28 33.60 23.94
N PHE A 529 3.52 32.30 23.87
CA PHE A 529 2.79 31.46 22.93
C PHE A 529 1.42 31.10 23.53
N HIS A 530 1.39 30.92 24.85
CA HIS A 530 0.18 30.58 25.58
C HIS A 530 -0.86 31.69 25.58
N ARG A 531 -0.41 32.92 25.75
CA ARG A 531 -1.30 34.06 25.76
C ARG A 531 -1.68 34.47 24.34
N GLY A 532 -1.17 33.74 23.35
CA GLY A 532 -1.48 34.05 21.96
C GLY A 532 -0.87 35.34 21.44
N GLU A 533 -0.07 36.02 22.26
CA GLU A 533 0.57 37.27 21.86
C GLU A 533 1.30 37.06 20.53
N PHE A 534 1.94 35.90 20.40
CA PHE A 534 2.65 35.52 19.18
C PHE A 534 2.53 34.01 19.04
N THR A 535 2.74 33.52 17.83
CA THR A 535 2.70 32.08 17.61
C THR A 535 4.12 31.66 17.27
N VAL A 536 4.39 30.36 17.27
CA VAL A 536 5.71 29.91 16.91
C VAL A 536 6.01 30.41 15.50
N ASN A 537 4.99 30.43 14.64
CA ASN A 537 5.17 30.90 13.28
C ASN A 537 5.50 32.38 13.20
N ASP A 538 4.92 33.18 14.08
CA ASP A 538 5.24 34.60 14.08
C ASP A 538 6.75 34.74 14.30
N VAL A 539 7.25 33.98 15.27
CA VAL A 539 8.68 34.00 15.58
C VAL A 539 9.50 33.47 14.41
N LYS A 540 9.05 32.38 13.79
CA LYS A 540 9.75 31.82 12.65
C LYS A 540 9.76 32.79 11.46
N GLU A 541 8.62 33.40 11.16
CA GLU A 541 8.55 34.36 10.05
C GLU A 541 9.58 35.48 10.28
N TYR A 542 9.66 35.96 11.51
CA TYR A 542 10.59 37.03 11.87
C TYR A 542 12.02 36.60 11.65
N LEU A 543 12.39 35.47 12.24
CA LEU A 543 13.75 34.95 12.08
C LEU A 543 14.07 34.75 10.60
N LEU A 544 13.15 34.12 9.88
CA LEU A 544 13.32 33.86 8.46
C LEU A 544 13.58 35.19 7.74
N GLU A 545 12.71 36.15 7.98
CA GLU A 545 12.81 37.47 7.37
C GLU A 545 14.17 38.09 7.70
N HIS A 546 14.84 37.57 8.73
CA HIS A 546 16.14 38.10 9.12
C HIS A 546 17.36 37.23 8.79
N GLY A 547 17.20 36.33 7.83
CA GLY A 547 18.32 35.51 7.41
C GLY A 547 18.60 34.21 8.14
N LEU A 548 17.86 33.91 9.20
CA LEU A 548 18.07 32.68 9.94
C LEU A 548 17.33 31.51 9.27
N LYS A 549 17.78 30.28 9.51
CA LYS A 549 17.13 29.12 8.93
C LYS A 549 16.17 28.51 9.96
N VAL A 550 14.90 28.35 9.58
CA VAL A 550 13.92 27.76 10.48
C VAL A 550 13.10 26.70 9.76
N ARG A 551 12.65 25.70 10.51
CA ARG A 551 11.82 24.66 9.91
C ARG A 551 10.49 25.28 9.50
N MET A 552 10.11 25.09 8.24
CA MET A 552 8.85 25.60 7.73
C MET A 552 8.24 24.43 6.97
N ASP A 553 7.32 23.74 7.63
CA ASP A 553 6.69 22.56 7.04
C ASP A 553 5.19 22.78 6.80
N GLY B 1 0.11 -26.79 -52.51
CA GLY B 1 -0.60 -26.33 -53.70
C GLY B 1 -1.64 -27.37 -54.11
N SER B 2 -1.51 -28.55 -53.45
CA SER B 2 -2.34 -29.76 -53.63
C SER B 2 -2.24 -30.73 -52.45
N HIS B 3 -1.49 -30.38 -51.41
CA HIS B 3 -1.29 -31.30 -50.29
C HIS B 3 -2.27 -31.14 -49.12
N MET B 4 -3.12 -30.11 -49.18
CA MET B 4 -4.07 -29.91 -48.08
C MET B 4 -5.03 -28.79 -48.32
N PRO B 5 -6.21 -28.71 -47.63
CA PRO B 5 -7.21 -27.68 -47.93
C PRO B 5 -7.11 -26.31 -47.27
N VAL B 6 -8.12 -25.53 -47.60
CA VAL B 6 -8.45 -24.19 -47.17
C VAL B 6 -9.59 -24.41 -46.18
N VAL B 7 -9.75 -23.51 -45.23
CA VAL B 7 -10.81 -23.61 -44.25
C VAL B 7 -11.78 -22.45 -44.43
N HIS B 8 -13.06 -22.77 -44.58
CA HIS B 8 -14.06 -21.73 -44.75
C HIS B 8 -14.70 -21.47 -43.39
N VAL B 9 -14.73 -20.21 -42.99
CA VAL B 9 -15.30 -19.81 -41.73
C VAL B 9 -16.49 -18.89 -41.94
N ILE B 10 -17.67 -19.33 -41.51
CA ILE B 10 -18.87 -18.52 -41.67
C ILE B 10 -18.84 -17.34 -40.73
N ASP B 11 -18.72 -16.15 -41.31
CA ASP B 11 -18.62 -14.93 -40.55
C ASP B 11 -19.86 -14.06 -40.68
N VAL B 12 -20.59 -13.90 -39.57
CA VAL B 12 -21.79 -13.06 -39.58
C VAL B 12 -21.36 -11.65 -39.22
N GLU B 13 -20.04 -11.47 -39.10
CA GLU B 13 -19.40 -10.19 -38.77
C GLU B 13 -19.91 -9.57 -37.47
N SER B 14 -19.76 -10.31 -36.38
CA SER B 14 -20.17 -9.85 -35.07
C SER B 14 -19.36 -10.60 -34.05
N GLY B 15 -18.53 -9.88 -33.30
CA GLY B 15 -17.72 -10.54 -32.29
C GLY B 15 -16.28 -10.78 -32.71
N ASN B 16 -15.50 -11.34 -31.80
CA ASN B 16 -14.09 -11.61 -32.05
C ASN B 16 -13.87 -12.86 -32.90
N LEU B 17 -13.37 -12.66 -34.11
CA LEU B 17 -13.11 -13.76 -35.01
C LEU B 17 -11.60 -13.86 -35.28
N GLN B 18 -10.86 -12.95 -34.66
CA GLN B 18 -9.40 -12.88 -34.80
C GLN B 18 -8.75 -14.18 -34.32
N SER B 19 -9.11 -14.58 -33.10
CA SER B 19 -8.55 -15.77 -32.48
C SER B 19 -8.77 -17.03 -33.31
N LEU B 20 -10.01 -17.25 -33.74
CA LEU B 20 -10.27 -18.45 -34.52
C LEU B 20 -9.44 -18.46 -35.81
N THR B 21 -9.48 -17.37 -36.56
CA THR B 21 -8.72 -17.30 -37.80
C THR B 21 -7.21 -17.45 -37.56
N ASN B 22 -6.69 -16.75 -36.55
CA ASN B 22 -5.27 -16.85 -36.24
C ASN B 22 -4.87 -18.26 -35.85
N ALA B 23 -5.75 -18.94 -35.12
CA ALA B 23 -5.46 -20.31 -34.72
C ALA B 23 -5.35 -21.19 -35.95
N ILE B 24 -6.34 -21.12 -36.84
CA ILE B 24 -6.34 -21.92 -38.06
C ILE B 24 -5.08 -21.66 -38.89
N GLU B 25 -4.76 -20.38 -39.10
CA GLU B 25 -3.57 -20.03 -39.86
C GLU B 25 -2.35 -20.61 -39.16
N HIS B 26 -2.25 -20.36 -37.86
CA HIS B 26 -1.14 -20.86 -37.07
C HIS B 26 -0.98 -22.36 -37.27
N LEU B 27 -2.09 -23.07 -37.48
CA LEU B 27 -2.02 -24.52 -37.69
C LEU B 27 -1.59 -24.90 -39.11
N GLY B 28 -1.32 -23.89 -39.93
CA GLY B 28 -0.90 -24.12 -41.31
C GLY B 28 -2.02 -24.11 -42.35
N TYR B 29 -3.13 -23.43 -42.05
CA TYR B 29 -4.25 -23.38 -42.96
C TYR B 29 -4.57 -21.98 -43.45
N GLU B 30 -5.18 -21.90 -44.63
CA GLU B 30 -5.57 -20.62 -45.19
C GLU B 30 -7.03 -20.46 -44.83
N VAL B 31 -7.39 -19.27 -44.36
CA VAL B 31 -8.76 -19.01 -43.96
C VAL B 31 -9.54 -18.26 -45.02
N GLN B 32 -10.69 -18.82 -45.38
CA GLN B 32 -11.56 -18.18 -46.36
C GLN B 32 -12.86 -17.81 -45.64
N LEU B 33 -13.09 -16.52 -45.46
CA LEU B 33 -14.29 -16.06 -44.78
C LEU B 33 -15.51 -16.17 -45.70
N VAL B 34 -16.66 -16.44 -45.10
CA VAL B 34 -17.91 -16.57 -45.84
C VAL B 34 -18.96 -15.70 -45.17
N LYS B 35 -19.03 -14.44 -45.59
CA LYS B 35 -19.99 -13.48 -45.05
C LYS B 35 -21.35 -13.61 -45.71
N SER B 36 -21.36 -14.27 -46.86
CA SER B 36 -22.59 -14.48 -47.64
C SER B 36 -22.57 -15.84 -48.30
N PRO B 37 -23.74 -16.44 -48.56
CA PRO B 37 -23.79 -17.76 -49.20
C PRO B 37 -23.11 -17.76 -50.58
N LYS B 38 -22.91 -16.56 -51.12
CA LYS B 38 -22.25 -16.41 -52.43
C LYS B 38 -20.75 -16.66 -52.32
N ASP B 39 -20.22 -16.59 -51.09
CA ASP B 39 -18.79 -16.76 -50.86
C ASP B 39 -18.26 -18.20 -50.76
N PHE B 40 -19.10 -19.18 -51.06
CA PHE B 40 -18.63 -20.56 -51.01
C PHE B 40 -19.63 -21.50 -51.69
N ASN B 41 -19.16 -22.69 -52.06
CA ASN B 41 -20.02 -23.68 -52.71
C ASN B 41 -19.71 -25.04 -52.13
N ILE B 42 -20.74 -25.88 -52.03
CA ILE B 42 -20.61 -27.23 -51.47
C ILE B 42 -19.35 -27.99 -51.86
N SER B 43 -19.28 -28.40 -53.13
CA SER B 43 -18.14 -29.16 -53.63
C SER B 43 -16.79 -28.48 -53.45
N GLY B 44 -16.77 -27.14 -53.44
CA GLY B 44 -15.51 -26.44 -53.27
C GLY B 44 -15.09 -26.22 -51.83
N THR B 45 -15.91 -26.71 -50.89
CA THR B 45 -15.64 -26.54 -49.46
C THR B 45 -15.39 -27.89 -48.80
N SER B 46 -14.24 -28.04 -48.17
CA SER B 46 -13.89 -29.30 -47.51
C SER B 46 -13.87 -29.17 -45.98
N ARG B 47 -13.69 -27.95 -45.48
CA ARG B 47 -13.67 -27.74 -44.04
C ARG B 47 -14.45 -26.50 -43.68
N LEU B 48 -15.62 -26.69 -43.07
CA LEU B 48 -16.48 -25.58 -42.69
C LEU B 48 -16.61 -25.44 -41.18
N ILE B 49 -16.39 -24.22 -40.69
CA ILE B 49 -16.47 -23.93 -39.27
C ILE B 49 -17.52 -22.86 -39.03
N LEU B 50 -18.43 -23.14 -38.12
CA LEU B 50 -19.51 -22.22 -37.77
C LEU B 50 -19.33 -21.66 -36.35
N PRO B 51 -18.55 -20.58 -36.21
CA PRO B 51 -18.31 -19.95 -34.91
C PRO B 51 -19.44 -19.00 -34.56
N GLY B 52 -19.78 -18.92 -33.27
CA GLY B 52 -20.85 -18.04 -32.86
C GLY B 52 -20.73 -17.60 -31.42
N VAL B 53 -20.97 -16.31 -31.20
CA VAL B 53 -20.91 -15.72 -29.87
C VAL B 53 -22.15 -14.85 -29.70
N GLY B 54 -22.54 -14.60 -28.46
CA GLY B 54 -23.69 -13.72 -28.23
C GLY B 54 -25.06 -14.34 -28.04
N ASN B 55 -26.05 -13.47 -27.99
CA ASN B 55 -27.44 -13.87 -27.82
C ASN B 55 -27.85 -14.86 -28.92
N TYR B 56 -28.47 -15.96 -28.51
CA TYR B 56 -28.89 -17.01 -29.44
C TYR B 56 -29.71 -16.51 -30.62
N GLY B 57 -30.79 -15.81 -30.34
CA GLY B 57 -31.64 -15.30 -31.40
C GLY B 57 -30.86 -14.40 -32.34
N HIS B 58 -30.13 -13.47 -31.75
CA HIS B 58 -29.31 -12.53 -32.49
C HIS B 58 -28.52 -13.27 -33.59
N PHE B 59 -27.73 -14.25 -33.17
CA PHE B 59 -26.90 -15.05 -34.07
C PHE B 59 -27.68 -15.90 -35.07
N VAL B 60 -28.77 -16.52 -34.63
CA VAL B 60 -29.56 -17.36 -35.51
C VAL B 60 -30.39 -16.52 -36.48
N ASP B 61 -30.84 -15.34 -36.06
CA ASP B 61 -31.61 -14.48 -36.94
C ASP B 61 -30.65 -14.08 -38.06
N ASN B 62 -29.53 -13.49 -37.64
CA ASN B 62 -28.50 -13.04 -38.56
C ASN B 62 -28.18 -14.15 -39.56
N LEU B 63 -27.77 -15.30 -39.04
CA LEU B 63 -27.41 -16.44 -39.85
C LEU B 63 -28.48 -16.80 -40.87
N PHE B 64 -29.66 -17.17 -40.37
CA PHE B 64 -30.77 -17.56 -41.23
C PHE B 64 -31.23 -16.48 -42.22
N ASN B 65 -31.19 -15.22 -41.79
CA ASN B 65 -31.61 -14.12 -42.66
C ASN B 65 -30.68 -13.94 -43.85
N ARG B 66 -29.41 -14.28 -43.68
CA ARG B 66 -28.45 -14.16 -44.76
C ARG B 66 -28.54 -15.37 -45.68
N GLY B 67 -29.49 -16.26 -45.40
CA GLY B 67 -29.70 -17.43 -46.23
C GLY B 67 -28.75 -18.61 -46.06
N PHE B 68 -28.14 -18.76 -44.88
CA PHE B 68 -27.22 -19.86 -44.66
C PHE B 68 -27.86 -21.18 -44.28
N GLU B 69 -29.14 -21.18 -43.92
CA GLU B 69 -29.79 -22.42 -43.53
C GLU B 69 -29.70 -23.52 -44.59
N LYS B 70 -30.19 -23.26 -45.79
CA LYS B 70 -30.14 -24.26 -46.84
C LYS B 70 -28.71 -24.64 -47.22
N PRO B 71 -27.82 -23.64 -47.38
CA PRO B 71 -26.44 -23.97 -47.73
C PRO B 71 -25.79 -24.86 -46.66
N ILE B 72 -26.06 -24.56 -45.39
CA ILE B 72 -25.51 -25.34 -44.29
C ILE B 72 -26.05 -26.77 -44.28
N ARG B 73 -27.37 -26.92 -44.43
CA ARG B 73 -27.95 -28.26 -44.44
C ARG B 73 -27.40 -29.07 -45.60
N GLU B 74 -27.34 -28.45 -46.78
CA GLU B 74 -26.81 -29.14 -47.95
C GLU B 74 -25.36 -29.57 -47.72
N TYR B 75 -24.56 -28.70 -47.14
CA TYR B 75 -23.18 -29.04 -46.86
C TYR B 75 -23.14 -30.25 -45.94
N ILE B 76 -23.95 -30.23 -44.88
CA ILE B 76 -24.01 -31.33 -43.94
C ILE B 76 -24.43 -32.62 -44.64
N GLU B 77 -25.35 -32.50 -45.58
CA GLU B 77 -25.82 -33.67 -46.33
C GLU B 77 -24.74 -34.18 -47.27
N SER B 78 -23.80 -33.30 -47.65
CA SER B 78 -22.73 -33.70 -48.54
C SER B 78 -21.82 -34.70 -47.84
N GLY B 79 -21.99 -34.81 -46.52
CA GLY B 79 -21.19 -35.73 -45.73
C GLY B 79 -19.83 -35.18 -45.32
N LYS B 80 -19.53 -33.95 -45.73
CA LYS B 80 -18.24 -33.33 -45.41
C LYS B 80 -18.21 -32.67 -44.03
N PRO B 81 -17.01 -32.62 -43.41
CA PRO B 81 -16.75 -32.05 -42.08
C PRO B 81 -17.20 -30.63 -41.78
N ILE B 82 -17.94 -30.47 -40.68
CA ILE B 82 -18.39 -29.16 -40.24
C ILE B 82 -18.17 -29.04 -38.72
N MET B 83 -17.70 -27.88 -38.28
CA MET B 83 -17.45 -27.66 -36.86
C MET B 83 -18.18 -26.45 -36.30
N GLY B 84 -18.99 -26.66 -35.27
CA GLY B 84 -19.72 -25.55 -34.67
C GLY B 84 -19.04 -25.15 -33.37
N ILE B 85 -18.90 -23.86 -33.13
CA ILE B 85 -18.25 -23.37 -31.90
C ILE B 85 -19.19 -22.45 -31.13
N CYD B 86 -19.51 -22.81 -29.89
CA CYD B 86 -20.42 -22.22 -28.90
CB CYD B 86 -19.84 -20.85 -28.57
SG CYD B 86 -19.85 -19.88 -27.05
C CYD B 86 -21.81 -22.08 -29.49
O CYD B 86 -22.57 -23.03 -29.46
C1 CYD B 86 -21.59 -19.75 -26.54
N1 CYD B 86 -25.04 -16.43 -24.81
C5 CYD B 86 -25.30 -17.89 -24.67
C4 CYD B 86 -24.35 -18.73 -25.51
C3 CYD B 86 -23.50 -18.00 -26.49
C2 CYD B 86 -22.03 -18.30 -26.34
O1 CYD B 86 -21.22 -17.34 -26.09
C6 CYD B 86 -25.14 -18.31 -23.23
OT3 CYD B 86 -25.37 -19.51 -22.97
OT4 CYD B 86 -24.81 -17.43 -22.39
N VAL B 87 -22.18 -20.89 -29.96
CA VAL B 87 -23.53 -20.76 -30.49
C VAL B 87 -23.66 -21.62 -31.75
N GLY B 88 -22.53 -21.92 -32.37
CA GLY B 88 -22.53 -22.75 -33.55
C GLY B 88 -22.98 -24.13 -33.16
N LEU B 89 -22.67 -24.51 -31.93
CA LEU B 89 -23.07 -25.81 -31.40
C LEU B 89 -24.55 -25.74 -31.02
N GLN B 90 -24.93 -24.66 -30.35
CA GLN B 90 -26.31 -24.49 -29.93
C GLN B 90 -27.24 -24.42 -31.14
N ALA B 91 -26.74 -23.85 -32.23
CA ALA B 91 -27.55 -23.73 -33.44
C ALA B 91 -27.97 -25.09 -34.00
N LEU B 92 -27.31 -26.16 -33.55
CA LEU B 92 -27.65 -27.50 -34.03
C LEU B 92 -28.86 -28.06 -33.33
N PHE B 93 -29.29 -27.39 -32.26
CA PHE B 93 -30.44 -27.86 -31.48
C PHE B 93 -31.77 -27.28 -31.95
N ALA B 94 -32.85 -27.66 -31.26
CA ALA B 94 -34.18 -27.20 -31.59
C ALA B 94 -34.39 -25.71 -31.27
N GLY B 95 -33.57 -25.20 -30.36
CA GLY B 95 -33.70 -23.80 -29.97
C GLY B 95 -33.06 -23.55 -28.62
N SER B 96 -33.40 -22.42 -28.01
CA SER B 96 -32.84 -22.06 -26.71
C SER B 96 -33.78 -21.16 -25.93
N VAL B 97 -33.97 -21.47 -24.65
CA VAL B 97 -34.84 -20.67 -23.81
C VAL B 97 -34.34 -19.22 -23.78
N GLU B 98 -33.06 -19.02 -24.08
CA GLU B 98 -32.48 -17.69 -24.09
C GLU B 98 -33.27 -16.79 -25.04
N SER B 99 -33.80 -17.38 -26.09
CA SER B 99 -34.60 -16.67 -27.08
C SER B 99 -35.74 -17.61 -27.44
N PRO B 100 -36.79 -17.63 -26.61
CA PRO B 100 -37.98 -18.48 -26.77
C PRO B 100 -38.50 -18.65 -28.21
N LYS B 101 -38.68 -17.53 -28.91
CA LYS B 101 -39.20 -17.56 -30.27
C LYS B 101 -38.26 -18.16 -31.35
N SER B 102 -36.97 -18.29 -31.03
CA SER B 102 -35.98 -18.84 -31.96
C SER B 102 -36.12 -20.31 -32.33
N THR B 103 -35.58 -20.65 -33.49
CA THR B 103 -35.62 -22.02 -33.98
C THR B 103 -34.24 -22.41 -34.50
N GLY B 104 -33.78 -23.62 -34.22
CA GLY B 104 -32.46 -24.01 -34.68
C GLY B 104 -32.48 -24.93 -35.88
N LEU B 105 -31.33 -25.56 -36.17
CA LEU B 105 -31.24 -26.50 -37.28
C LEU B 105 -31.96 -27.79 -36.88
N ASN B 106 -32.18 -27.93 -35.57
CA ASN B 106 -32.89 -29.06 -35.00
C ASN B 106 -32.33 -30.45 -35.34
N TYR B 107 -31.01 -30.59 -35.38
CA TYR B 107 -30.43 -31.90 -35.64
C TYR B 107 -30.57 -32.70 -34.33
N ILE B 108 -30.64 -31.96 -33.23
CA ILE B 108 -30.83 -32.54 -31.91
C ILE B 108 -32.15 -31.94 -31.45
N ASP B 109 -33.15 -32.79 -31.24
CA ASP B 109 -34.49 -32.33 -30.89
C ASP B 109 -34.86 -31.90 -29.47
N PHE B 110 -34.13 -30.93 -28.92
CA PHE B 110 -34.45 -30.39 -27.61
C PHE B 110 -33.72 -29.07 -27.48
N LYS B 111 -34.21 -28.20 -26.60
CA LYS B 111 -33.62 -26.88 -26.46
C LYS B 111 -32.61 -26.72 -25.34
N LEU B 112 -31.77 -25.70 -25.49
CA LEU B 112 -30.78 -25.38 -24.48
C LEU B 112 -31.52 -24.64 -23.38
N SER B 113 -31.11 -24.89 -22.14
CA SER B 113 -31.76 -24.27 -21.00
C SER B 113 -30.70 -23.61 -20.16
N ARG B 114 -31.13 -22.71 -19.27
CA ARG B 114 -30.20 -21.97 -18.41
C ARG B 114 -29.68 -22.80 -17.23
N PHE B 115 -28.41 -22.62 -16.90
CA PHE B 115 -27.84 -23.32 -15.76
C PHE B 115 -28.63 -22.90 -14.52
N ASP B 116 -28.62 -23.76 -13.51
CA ASP B 116 -29.30 -23.48 -12.25
C ASP B 116 -28.38 -22.59 -11.41
N ASP B 117 -28.80 -21.37 -11.09
CA ASP B 117 -27.95 -20.49 -10.29
C ASP B 117 -28.22 -20.52 -8.79
N SER B 118 -29.02 -21.48 -8.33
CA SER B 118 -29.29 -21.56 -6.91
C SER B 118 -28.07 -22.14 -6.20
N GLU B 119 -27.30 -22.94 -6.92
CA GLU B 119 -26.13 -23.60 -6.36
C GLU B 119 -24.80 -23.06 -6.87
N LYS B 120 -24.85 -22.26 -7.92
CA LYS B 120 -23.61 -21.77 -8.49
C LYS B 120 -23.81 -20.50 -9.29
N PRO B 121 -22.71 -19.82 -9.61
CA PRO B 121 -22.82 -18.59 -10.38
C PRO B 121 -23.14 -18.96 -11.82
N VAL B 122 -23.93 -18.11 -12.47
CA VAL B 122 -24.29 -18.30 -13.87
C VAL B 122 -24.14 -16.88 -14.45
N PRO B 123 -23.51 -16.75 -15.63
CA PRO B 123 -22.93 -17.79 -16.50
C PRO B 123 -21.73 -18.56 -15.98
N GLU B 124 -21.47 -19.70 -16.63
CA GLU B 124 -20.31 -20.50 -16.29
C GLU B 124 -19.19 -19.78 -17.03
N ILE B 125 -18.14 -19.42 -16.31
CA ILE B 125 -17.02 -18.73 -16.93
C ILE B 125 -15.78 -19.36 -16.38
N GLY B 126 -15.08 -20.16 -17.18
CA GLY B 126 -13.88 -20.78 -16.66
C GLY B 126 -13.45 -22.05 -17.35
N TRP B 127 -12.52 -22.75 -16.71
CA TRP B 127 -11.95 -23.95 -17.27
C TRP B 127 -12.50 -25.26 -16.72
N ASN B 128 -13.39 -25.88 -17.50
CA ASN B 128 -13.99 -27.15 -17.10
C ASN B 128 -13.38 -28.27 -17.92
N SER B 129 -13.83 -29.50 -17.66
CA SER B 129 -13.27 -30.65 -18.36
C SER B 129 -14.32 -31.63 -18.86
N CYS B 130 -13.91 -32.45 -19.84
CA CYS B 130 -14.79 -33.47 -20.37
C CYS B 130 -14.67 -34.65 -19.44
N ILE B 131 -15.81 -35.29 -19.16
CA ILE B 131 -15.86 -36.45 -18.28
C ILE B 131 -15.28 -37.66 -19.01
N PRO B 132 -14.39 -38.41 -18.35
CA PRO B 132 -13.79 -39.60 -18.95
C PRO B 132 -14.84 -40.48 -19.61
N SER B 133 -14.57 -40.91 -20.83
CA SER B 133 -15.51 -41.74 -21.58
C SER B 133 -14.80 -42.58 -22.63
N GLU B 134 -15.50 -43.59 -23.15
CA GLU B 134 -14.97 -44.48 -24.17
C GLU B 134 -15.26 -43.91 -25.55
N ASN B 135 -16.18 -42.95 -25.63
CA ASN B 135 -16.56 -42.37 -26.90
C ASN B 135 -16.19 -40.90 -27.12
N LEU B 136 -15.04 -40.49 -26.59
CA LEU B 136 -14.59 -39.13 -26.81
C LEU B 136 -14.07 -39.09 -28.25
N PHE B 137 -13.76 -37.89 -28.75
CA PHE B 137 -13.33 -37.75 -30.12
C PHE B 137 -12.48 -36.50 -30.33
N PHE B 138 -11.90 -36.41 -31.52
CA PHE B 138 -11.04 -35.29 -31.88
C PHE B 138 -10.05 -34.89 -30.80
N GLY B 139 -9.53 -35.89 -30.10
CA GLY B 139 -8.55 -35.64 -29.07
C GLY B 139 -8.99 -35.02 -27.75
N LEU B 140 -10.30 -34.88 -27.53
CA LEU B 140 -10.78 -34.30 -26.28
C LEU B 140 -10.20 -35.11 -25.13
N ASP B 141 -9.37 -34.45 -24.32
CA ASP B 141 -8.68 -35.09 -23.20
C ASP B 141 -9.29 -34.74 -21.86
N PRO B 142 -9.84 -35.72 -21.13
CA PRO B 142 -10.45 -35.46 -19.82
C PRO B 142 -9.48 -34.82 -18.82
N TYR B 143 -8.19 -34.97 -19.06
CA TYR B 143 -7.19 -34.41 -18.16
C TYR B 143 -6.65 -33.05 -18.54
N LYS B 144 -7.31 -32.40 -19.50
CA LYS B 144 -6.93 -31.06 -19.91
C LYS B 144 -8.13 -30.18 -19.62
N ARG B 145 -7.99 -28.87 -19.85
CA ARG B 145 -9.09 -27.94 -19.60
C ARG B 145 -9.42 -27.08 -20.82
N TYR B 146 -10.71 -26.77 -20.98
CA TYR B 146 -11.16 -25.94 -22.09
C TYR B 146 -11.93 -24.80 -21.49
N TYR B 147 -11.98 -23.68 -22.20
CA TYR B 147 -12.66 -22.50 -21.70
C TYR B 147 -14.10 -22.40 -22.11
N PHE B 148 -14.98 -22.39 -21.12
CA PHE B 148 -16.41 -22.27 -21.33
C PHE B 148 -16.85 -20.91 -20.82
N VAL B 149 -17.81 -20.31 -21.52
CA VAL B 149 -18.33 -19.01 -21.12
C VAL B 149 -19.72 -18.96 -21.69
N HIS B 150 -20.70 -19.29 -20.83
CA HIS B 150 -22.10 -19.33 -21.25
C HIS B 150 -23.05 -19.47 -20.07
N SER B 151 -24.29 -19.04 -20.27
CA SER B 151 -25.33 -19.15 -19.27
C SER B 151 -26.22 -20.33 -19.62
N PHE B 152 -26.36 -20.59 -20.91
CA PHE B 152 -27.21 -21.66 -21.39
C PHE B 152 -26.42 -22.84 -21.93
N ALA B 153 -26.98 -24.03 -21.77
CA ALA B 153 -26.32 -25.24 -22.20
C ALA B 153 -27.33 -26.34 -22.52
N ALA B 154 -26.83 -27.44 -23.07
CA ALA B 154 -27.69 -28.57 -23.35
C ALA B 154 -27.53 -29.42 -22.09
N ILE B 155 -28.38 -29.15 -21.10
CA ILE B 155 -28.33 -29.85 -19.83
C ILE B 155 -28.91 -31.25 -19.97
N LEU B 156 -28.13 -32.23 -19.53
CA LEU B 156 -28.49 -33.63 -19.68
C LEU B 156 -29.09 -34.39 -18.50
N ASN B 157 -29.85 -35.42 -18.84
CA ASN B 157 -30.41 -36.32 -17.86
C ASN B 157 -30.29 -37.67 -18.55
N SER B 158 -30.52 -38.73 -17.80
CA SER B 158 -30.42 -40.07 -18.35
C SER B 158 -31.22 -40.28 -19.65
N GLU B 159 -32.44 -39.77 -19.71
CA GLU B 159 -33.26 -39.94 -20.90
C GLU B 159 -32.65 -39.33 -22.16
N LYS B 160 -32.16 -38.10 -22.06
CA LYS B 160 -31.58 -37.42 -23.21
C LYS B 160 -30.30 -38.10 -23.69
N LYS B 161 -29.48 -38.56 -22.74
CA LYS B 161 -28.24 -39.24 -23.12
C LYS B 161 -28.54 -40.54 -23.86
N LYS B 162 -29.60 -41.25 -23.42
CA LYS B 162 -29.99 -42.49 -24.07
C LYS B 162 -30.51 -42.21 -25.48
N ASN B 163 -31.39 -41.22 -25.61
CA ASN B 163 -31.90 -40.90 -26.93
C ASN B 163 -30.75 -40.52 -27.87
N LEU B 164 -29.83 -39.68 -27.39
CA LEU B 164 -28.69 -39.26 -28.18
C LEU B 164 -27.87 -40.46 -28.65
N GLU B 165 -27.58 -41.38 -27.75
CA GLU B 165 -26.81 -42.58 -28.07
C GLU B 165 -27.54 -43.40 -29.12
N ASN B 166 -28.86 -43.54 -28.98
CA ASN B 166 -29.62 -44.31 -29.95
C ASN B 166 -29.75 -43.57 -31.26
N ASP B 167 -29.62 -42.26 -31.22
CA ASP B 167 -29.70 -41.44 -32.43
C ASP B 167 -28.33 -41.47 -33.11
N GLY B 168 -27.40 -42.20 -32.52
CA GLY B 168 -26.08 -42.30 -33.09
C GLY B 168 -25.13 -41.12 -32.78
N TRP B 169 -25.46 -40.31 -31.79
CA TRP B 169 -24.58 -39.18 -31.45
C TRP B 169 -23.53 -39.54 -30.40
N LYS B 170 -22.32 -39.02 -30.58
CA LYS B 170 -21.28 -39.24 -29.59
C LYS B 170 -21.28 -37.93 -28.78
N ILE B 171 -21.30 -38.06 -27.47
CA ILE B 171 -21.35 -36.90 -26.59
C ILE B 171 -20.17 -36.77 -25.64
N ALA B 172 -19.58 -35.60 -25.62
CA ALA B 172 -18.50 -35.34 -24.66
C ALA B 172 -19.25 -34.60 -23.55
N LYS B 173 -19.27 -35.16 -22.35
CA LYS B 173 -19.99 -34.54 -21.25
C LYS B 173 -19.07 -33.76 -20.32
N ALA B 174 -19.65 -32.77 -19.64
CA ALA B 174 -18.92 -31.97 -18.66
C ALA B 174 -19.93 -31.73 -17.56
N LYS B 175 -19.45 -31.34 -16.39
CA LYS B 175 -20.35 -31.06 -15.28
C LYS B 175 -19.99 -29.75 -14.60
N TYR B 176 -20.97 -28.88 -14.43
CA TYR B 176 -20.75 -27.61 -13.75
C TYR B 176 -21.71 -27.64 -12.58
N GLY B 177 -21.15 -27.70 -11.37
CA GLY B 177 -21.97 -27.81 -10.19
C GLY B 177 -22.47 -29.25 -10.13
N SER B 178 -23.79 -29.43 -10.07
CA SER B 178 -24.35 -30.78 -10.03
C SER B 178 -25.02 -31.09 -11.38
N GLU B 179 -24.87 -30.16 -12.33
CA GLU B 179 -25.47 -30.32 -13.64
C GLU B 179 -24.55 -30.83 -14.74
N GLU B 180 -24.99 -31.89 -15.40
CA GLU B 180 -24.23 -32.47 -16.52
C GLU B 180 -24.76 -31.81 -17.78
N PHE B 181 -23.87 -31.51 -18.72
CA PHE B 181 -24.28 -30.87 -19.96
C PHE B 181 -23.35 -31.25 -21.10
N ILE B 182 -23.80 -31.01 -22.32
CA ILE B 182 -23.02 -31.33 -23.50
C ILE B 182 -21.88 -30.34 -23.75
N ALA B 183 -20.65 -30.82 -23.61
CA ALA B 183 -19.46 -30.00 -23.84
C ALA B 183 -19.09 -30.11 -25.31
N ALA B 184 -19.49 -31.22 -25.94
CA ALA B 184 -19.21 -31.42 -27.35
C ALA B 184 -20.04 -32.57 -27.94
N VAL B 185 -20.27 -32.50 -29.24
CA VAL B 185 -21.03 -33.53 -29.94
C VAL B 185 -20.31 -33.97 -31.20
N ASN B 186 -20.64 -35.17 -31.68
CA ASN B 186 -20.04 -35.70 -32.88
C ASN B 186 -20.91 -36.81 -33.45
N LYS B 187 -21.33 -36.65 -34.69
CA LYS B 187 -22.12 -37.66 -35.38
C LYS B 187 -21.75 -37.53 -36.85
N ASN B 188 -21.19 -38.60 -37.40
CA ASN B 188 -20.77 -38.59 -38.80
C ASN B 188 -19.84 -37.41 -39.04
N ASN B 189 -20.24 -36.50 -39.92
CA ASN B 189 -19.41 -35.36 -40.25
C ASN B 189 -19.64 -34.09 -39.41
N ILE B 190 -20.54 -34.17 -38.45
CA ILE B 190 -20.81 -33.00 -37.60
C ILE B 190 -20.02 -33.03 -36.30
N PHE B 191 -19.36 -31.92 -35.98
CA PHE B 191 -18.59 -31.80 -34.76
C PHE B 191 -18.86 -30.41 -34.21
N ALA B 192 -19.04 -30.29 -32.89
CA ALA B 192 -19.28 -29.00 -32.28
C ALA B 192 -18.88 -29.00 -30.82
N THR B 193 -18.42 -27.84 -30.36
CA THR B 193 -17.97 -27.67 -28.99
C THR B 193 -18.75 -26.54 -28.32
N GLN B 194 -19.00 -26.67 -27.01
CA GLN B 194 -19.69 -25.64 -26.28
C GLN B 194 -18.62 -24.66 -25.81
N PHE B 195 -17.39 -25.16 -25.68
CA PHE B 195 -16.29 -24.31 -25.24
C PHE B 195 -15.61 -23.70 -26.45
N HIS B 196 -14.79 -22.70 -26.19
CA HIS B 196 -14.05 -22.00 -27.25
C HIS B 196 -12.64 -22.54 -27.37
N PRO B 197 -12.42 -23.43 -28.35
CA PRO B 197 -11.08 -24.00 -28.54
C PRO B 197 -10.04 -22.90 -28.76
N GLU B 198 -10.40 -21.89 -29.54
CA GLU B 198 -9.47 -20.80 -29.83
C GLU B 198 -9.11 -20.01 -28.57
N LYS B 199 -9.93 -20.12 -27.54
CA LYS B 199 -9.67 -19.44 -26.28
C LYS B 199 -9.17 -20.43 -25.25
N SER B 200 -8.78 -21.62 -25.69
CA SER B 200 -8.32 -22.65 -24.76
C SER B 200 -6.86 -23.04 -24.86
N GLY B 201 -6.00 -22.09 -25.21
CA GLY B 201 -4.59 -22.38 -25.32
C GLY B 201 -4.25 -23.55 -26.22
N LYS B 202 -3.11 -24.17 -25.93
CA LYS B 202 -2.63 -25.30 -26.73
C LYS B 202 -3.60 -26.45 -26.79
N ALA B 203 -4.32 -26.68 -25.70
CA ALA B 203 -5.27 -27.78 -25.67
C ALA B 203 -6.37 -27.47 -26.67
N GLY B 204 -6.71 -26.18 -26.80
CA GLY B 204 -7.72 -25.78 -27.75
C GLY B 204 -7.23 -25.95 -29.18
N LEU B 205 -6.05 -25.44 -29.47
CA LEU B 205 -5.48 -25.54 -30.82
C LEU B 205 -5.46 -27.00 -31.27
N ASN B 206 -5.13 -27.90 -30.34
CA ASN B 206 -5.08 -29.31 -30.67
C ASN B 206 -6.44 -29.80 -31.19
N VAL B 207 -7.51 -29.30 -30.58
CA VAL B 207 -8.86 -29.69 -30.96
C VAL B 207 -9.15 -29.20 -32.37
N ILE B 208 -8.85 -27.93 -32.64
CA ILE B 208 -9.08 -27.38 -33.97
C ILE B 208 -8.23 -28.18 -34.98
N GLU B 209 -6.99 -28.44 -34.61
CA GLU B 209 -6.11 -29.18 -35.49
C GLU B 209 -6.68 -30.57 -35.76
N ASN B 210 -7.06 -31.28 -34.70
CA ASN B 210 -7.63 -32.60 -34.84
C ASN B 210 -8.86 -32.56 -35.75
N PHE B 211 -9.61 -31.46 -35.70
CA PHE B 211 -10.79 -31.36 -36.54
C PHE B 211 -10.37 -31.19 -38.00
N LEU B 212 -9.55 -30.17 -38.25
CA LEU B 212 -9.09 -29.89 -39.60
C LEU B 212 -8.42 -31.10 -40.25
N LYS B 213 -7.71 -31.90 -39.46
CA LYS B 213 -7.05 -33.07 -40.00
C LYS B 213 -7.93 -34.32 -39.86
N GLN B 214 -9.14 -34.14 -39.35
CA GLN B 214 -10.07 -35.26 -39.17
C GLN B 214 -9.39 -36.47 -38.51
N GLN B 215 -9.05 -36.33 -37.24
CA GLN B 215 -8.39 -37.40 -36.50
C GLN B 215 -8.70 -37.31 -35.01
N SER B 216 -8.80 -38.48 -34.39
CA SER B 216 -9.07 -38.59 -32.96
C SER B 216 -7.93 -39.34 -32.30
N PRO B 217 -6.79 -38.65 -32.07
CA PRO B 217 -5.66 -39.33 -31.43
C PRO B 217 -6.05 -39.82 -30.03
N PRO B 218 -5.41 -40.88 -29.55
CA PRO B 218 -5.72 -41.39 -28.20
C PRO B 218 -5.15 -40.43 -27.16
N ILE B 219 -5.77 -40.37 -25.98
CA ILE B 219 -5.26 -39.47 -24.96
C ILE B 219 -3.96 -40.04 -24.43
N PRO B 220 -3.05 -39.16 -23.99
CA PRO B 220 -1.75 -39.59 -23.46
C PRO B 220 -1.88 -40.68 -22.41
N ASN B 221 -0.82 -41.46 -22.23
CA ASN B 221 -0.85 -42.54 -21.25
C ASN B 221 -0.37 -42.00 -19.90
N TYR B 222 -1.18 -41.16 -19.27
CA TYR B 222 -0.83 -40.58 -17.98
C TYR B 222 -0.66 -41.64 -16.91
N SER B 223 0.20 -41.35 -15.93
CA SER B 223 0.43 -42.26 -14.82
C SER B 223 -0.73 -42.05 -13.84
N ALA B 224 -0.98 -43.02 -12.98
CA ALA B 224 -2.06 -42.90 -12.01
C ALA B 224 -1.84 -41.67 -11.13
N GLU B 225 -0.59 -41.28 -10.97
CA GLU B 225 -0.21 -40.13 -10.16
C GLU B 225 -0.70 -38.86 -10.84
N GLU B 226 -0.39 -38.75 -12.14
CA GLU B 226 -0.78 -37.60 -12.94
C GLU B 226 -2.29 -37.43 -13.04
N LYS B 227 -3.01 -38.54 -13.22
CA LYS B 227 -4.46 -38.50 -13.34
C LYS B 227 -5.11 -37.94 -12.08
N GLU B 228 -4.64 -38.42 -10.92
CA GLU B 228 -5.18 -37.97 -9.64
C GLU B 228 -4.93 -36.48 -9.49
N LEU B 229 -3.84 -36.03 -10.09
CA LEU B 229 -3.45 -34.63 -10.01
C LEU B 229 -4.22 -33.76 -10.99
N LEU B 230 -4.38 -34.27 -12.21
CA LEU B 230 -5.08 -33.53 -13.26
C LEU B 230 -6.60 -33.68 -13.33
N MET B 231 -7.14 -34.73 -12.70
CA MET B 231 -8.58 -34.96 -12.74
C MET B 231 -9.39 -33.83 -12.11
N ASN B 232 -10.64 -33.71 -12.51
CA ASN B 232 -11.52 -32.70 -11.96
C ASN B 232 -12.08 -33.31 -10.67
N ASP B 233 -11.97 -32.59 -9.56
CA ASP B 233 -12.50 -33.07 -8.28
C ASP B 233 -13.79 -32.33 -7.97
N TYR B 234 -14.18 -31.49 -8.91
CA TYR B 234 -15.39 -30.70 -8.79
C TYR B 234 -15.51 -29.82 -7.56
N SER B 235 -14.35 -29.32 -7.14
CA SER B 235 -14.29 -28.32 -6.09
C SER B 235 -14.52 -27.07 -6.94
N ASN B 236 -15.06 -26.00 -6.37
CA ASN B 236 -15.32 -24.80 -7.16
C ASN B 236 -16.17 -25.16 -8.37
N TYR B 237 -17.19 -25.99 -8.15
CA TYR B 237 -18.12 -26.41 -9.19
C TYR B 237 -17.49 -27.15 -10.38
N GLY B 238 -16.23 -27.51 -10.27
CA GLY B 238 -15.59 -28.21 -11.37
C GLY B 238 -14.69 -27.29 -12.18
N LEU B 239 -14.71 -26.01 -11.84
CA LEU B 239 -13.88 -25.05 -12.55
C LEU B 239 -12.53 -24.93 -11.85
N THR B 240 -11.47 -24.74 -12.63
CA THR B 240 -10.14 -24.60 -12.02
C THR B 240 -10.14 -23.26 -11.30
N ARG B 241 -9.10 -23.02 -10.51
CA ARG B 241 -8.97 -21.73 -9.83
C ARG B 241 -8.36 -20.80 -10.89
N ARG B 242 -9.20 -19.91 -11.42
CA ARG B 242 -8.85 -18.99 -12.47
C ARG B 242 -7.91 -17.87 -12.08
N ILE B 243 -6.75 -17.82 -12.73
CA ILE B 243 -5.74 -16.80 -12.44
C ILE B 243 -5.69 -15.77 -13.58
N ILE B 244 -5.96 -14.52 -13.24
CA ILE B 244 -5.95 -13.45 -14.22
C ILE B 244 -4.76 -12.49 -14.10
N ALA B 245 -4.15 -12.19 -15.22
CA ALA B 245 -3.03 -11.27 -15.26
C ALA B 245 -3.56 -9.99 -15.87
N CYS B 246 -3.28 -8.86 -15.23
CA CYS B 246 -3.74 -7.56 -15.70
C CYS B 246 -2.60 -6.56 -15.94
N LEU B 247 -2.75 -5.74 -16.97
CA LEU B 247 -1.72 -4.73 -17.27
C LEU B 247 -2.35 -3.42 -17.70
N ASP B 248 -1.65 -2.33 -17.41
CA ASP B 248 -2.13 -1.00 -17.79
C ASP B 248 -1.64 -0.67 -19.19
N VAL B 249 -2.41 0.18 -19.88
CA VAL B 249 -2.05 0.62 -21.22
C VAL B 249 -2.10 2.14 -21.22
N ARG B 250 -0.92 2.76 -21.26
CA ARG B 250 -0.81 4.22 -21.24
C ARG B 250 -0.17 4.79 -22.51
N THR B 251 -0.34 6.10 -22.67
CA THR B 251 0.24 6.84 -23.80
C THR B 251 1.21 7.86 -23.22
N ASN B 252 2.51 7.61 -23.38
CA ASN B 252 3.54 8.52 -22.85
C ASN B 252 3.67 9.82 -23.66
N ASP B 253 4.60 10.66 -23.24
CA ASP B 253 4.85 11.95 -23.90
C ASP B 253 4.88 11.86 -25.42
N GLN B 254 5.81 11.08 -25.94
CA GLN B 254 5.97 10.90 -27.38
C GLN B 254 4.72 10.34 -28.04
N GLY B 255 3.71 10.00 -27.23
CA GLY B 255 2.47 9.47 -27.76
C GLY B 255 2.47 7.98 -28.02
N ASP B 256 3.47 7.28 -27.49
CA ASP B 256 3.57 5.84 -27.67
C ASP B 256 2.87 5.12 -26.53
N LEU B 257 2.50 3.86 -26.77
CA LEU B 257 1.82 3.08 -25.74
C LEU B 257 2.82 2.30 -24.88
N VAL B 258 2.65 2.42 -23.56
CA VAL B 258 3.52 1.73 -22.61
C VAL B 258 2.71 1.21 -21.43
N VAL B 259 3.31 0.33 -20.64
CA VAL B 259 2.64 -0.23 -19.48
C VAL B 259 3.02 0.55 -18.23
N THR B 260 4.28 0.95 -18.15
CA THR B 260 4.77 1.72 -17.00
C THR B 260 4.58 3.21 -17.23
N LYS B 261 4.39 3.96 -16.15
CA LYS B 261 4.19 5.41 -16.21
C LYS B 261 5.39 6.14 -16.83
N GLY B 262 6.51 5.45 -16.98
CA GLY B 262 7.69 6.09 -17.56
C GLY B 262 8.52 5.23 -18.49
N ASP B 263 8.34 5.42 -19.80
CA ASP B 263 9.09 4.68 -20.81
C ASP B 263 9.14 5.46 -22.12
N LEU B 279 3.86 0.42 -29.82
CA LEU B 279 2.84 -0.17 -28.95
C LEU B 279 3.19 -1.64 -28.63
N GLY B 280 4.43 -2.02 -28.90
CA GLY B 280 4.85 -3.39 -28.65
C GLY B 280 5.06 -3.81 -27.20
N LYS B 281 5.09 -2.86 -26.27
CA LYS B 281 5.30 -3.20 -24.86
C LYS B 281 4.07 -3.90 -24.28
N PRO B 282 2.88 -3.31 -24.45
CA PRO B 282 1.67 -3.94 -23.91
C PRO B 282 1.45 -5.28 -24.58
N VAL B 283 1.69 -5.33 -25.89
CA VAL B 283 1.53 -6.56 -26.65
C VAL B 283 2.42 -7.65 -26.10
N GLN B 284 3.72 -7.36 -26.06
CA GLN B 284 4.71 -8.32 -25.57
C GLN B 284 4.45 -8.83 -24.16
N LEU B 285 4.06 -7.95 -23.25
CA LEU B 285 3.77 -8.34 -21.87
C LEU B 285 2.60 -9.32 -21.84
N ALA B 286 1.54 -9.01 -22.60
CA ALA B 286 0.39 -9.89 -22.67
C ALA B 286 0.84 -11.25 -23.15
N GLN B 287 1.72 -11.27 -24.14
CA GLN B 287 2.23 -12.53 -24.68
C GLN B 287 3.02 -13.27 -23.61
N LYS B 288 3.81 -12.53 -22.84
CA LYS B 288 4.61 -13.11 -21.78
C LYS B 288 3.65 -13.76 -20.77
N TYR B 289 2.64 -13.01 -20.36
CA TYR B 289 1.65 -13.50 -19.42
C TYR B 289 1.04 -14.82 -19.89
N TYR B 290 0.59 -14.83 -21.14
CA TYR B 290 -0.01 -16.02 -21.72
C TYR B 290 0.97 -17.18 -21.68
N GLN B 291 2.22 -16.91 -22.02
CA GLN B 291 3.24 -17.94 -22.05
C GLN B 291 3.57 -18.44 -20.66
N GLN B 292 3.30 -17.62 -19.65
CA GLN B 292 3.57 -18.02 -18.27
C GLN B 292 2.35 -18.58 -17.56
N GLY B 293 1.36 -19.04 -18.33
CA GLY B 293 0.18 -19.63 -17.73
C GLY B 293 -1.05 -18.80 -17.39
N ALA B 294 -1.05 -17.51 -17.66
CA ALA B 294 -2.23 -16.70 -17.34
C ALA B 294 -3.44 -17.34 -18.02
N ASP B 295 -4.53 -17.48 -17.28
CA ASP B 295 -5.74 -18.07 -17.84
C ASP B 295 -6.52 -17.03 -18.64
N GLU B 296 -6.17 -15.77 -18.45
CA GLU B 296 -6.89 -14.69 -19.08
C GLU B 296 -6.08 -13.42 -18.88
N VAL B 297 -6.12 -12.52 -19.86
CA VAL B 297 -5.37 -11.26 -19.78
C VAL B 297 -6.28 -10.05 -19.86
N THR B 298 -6.16 -9.16 -18.88
CA THR B 298 -6.98 -7.95 -18.85
C THR B 298 -6.18 -6.67 -19.12
N PHE B 299 -6.65 -5.87 -20.07
CA PHE B 299 -5.98 -4.61 -20.40
C PHE B 299 -6.79 -3.46 -19.82
N LEU B 300 -6.14 -2.61 -19.03
CA LEU B 300 -6.79 -1.44 -18.46
C LEU B 300 -6.40 -0.27 -19.36
N ASN B 301 -7.32 0.11 -20.24
CA ASN B 301 -7.09 1.20 -21.18
C ASN B 301 -7.19 2.57 -20.53
N ILE B 302 -6.05 3.22 -20.37
CA ILE B 302 -5.99 4.55 -19.78
C ILE B 302 -5.25 5.52 -20.69
N THR B 303 -5.31 5.26 -21.99
CA THR B 303 -4.66 6.10 -23.00
C THR B 303 -5.46 7.39 -23.21
N SER B 304 -4.76 8.52 -23.20
CA SER B 304 -5.38 9.83 -23.36
C SER B 304 -5.27 10.51 -24.73
N PHE B 305 -5.53 9.77 -25.79
CA PHE B 305 -5.47 10.35 -27.13
C PHE B 305 -6.55 11.43 -27.27
N ARG B 306 -6.26 12.49 -28.02
CA ARG B 306 -7.20 13.58 -28.22
C ARG B 306 -8.02 13.41 -29.49
N ASP B 307 -7.52 13.95 -30.59
CA ASP B 307 -8.20 13.84 -31.88
C ASP B 307 -7.79 12.54 -32.57
N CYS B 308 -8.40 11.44 -32.16
CA CYS B 308 -8.09 10.14 -32.75
C CYS B 308 -9.42 9.48 -33.13
N PRO B 309 -9.70 9.35 -34.45
CA PRO B 309 -10.98 8.71 -34.79
C PRO B 309 -11.09 7.35 -34.09
N LEU B 310 -12.32 6.95 -33.76
CA LEU B 310 -12.53 5.68 -33.10
C LEU B 310 -11.89 4.56 -33.90
N LYS B 311 -12.10 4.57 -35.21
CA LYS B 311 -11.56 3.55 -36.10
C LYS B 311 -10.07 3.36 -35.90
N ASP B 312 -9.38 4.42 -35.50
CA ASP B 312 -7.94 4.37 -35.32
C ASP B 312 -7.43 4.33 -33.88
N THR B 313 -8.29 3.98 -32.94
CA THR B 313 -7.87 3.89 -31.55
C THR B 313 -6.70 2.93 -31.44
N PRO B 314 -5.59 3.39 -30.84
CA PRO B 314 -4.40 2.55 -30.68
C PRO B 314 -4.65 1.27 -29.87
N MET B 315 -5.53 1.37 -28.86
CA MET B 315 -5.84 0.20 -28.02
C MET B 315 -6.33 -0.96 -28.87
N LEU B 316 -7.14 -0.69 -29.90
CA LEU B 316 -7.64 -1.73 -30.78
C LEU B 316 -6.51 -2.50 -31.46
N GLU B 317 -5.41 -1.81 -31.72
CA GLU B 317 -4.25 -2.42 -32.39
C GLU B 317 -3.50 -3.34 -31.43
N VAL B 318 -3.50 -2.98 -30.14
CA VAL B 318 -2.83 -3.79 -29.12
C VAL B 318 -3.54 -5.14 -29.07
N LEU B 319 -4.87 -5.09 -29.01
CA LEU B 319 -5.70 -6.28 -28.96
C LEU B 319 -5.50 -7.13 -30.19
N LYS B 320 -5.58 -6.50 -31.35
CA LYS B 320 -5.42 -7.19 -32.61
C LYS B 320 -4.07 -7.87 -32.67
N GLN B 321 -3.02 -7.16 -32.27
CA GLN B 321 -1.68 -7.74 -32.29
C GLN B 321 -1.52 -8.85 -31.25
N ALA B 322 -2.07 -8.66 -30.06
CA ALA B 322 -1.98 -9.67 -29.02
C ALA B 322 -2.73 -10.93 -29.42
N ALA B 323 -3.87 -10.75 -30.08
CA ALA B 323 -4.71 -11.87 -30.50
C ALA B 323 -4.06 -12.82 -31.50
N LYS B 324 -2.91 -12.44 -32.06
CA LYS B 324 -2.25 -13.30 -33.02
C LYS B 324 -1.59 -14.51 -32.39
N THR B 325 -1.18 -14.39 -31.13
CA THR B 325 -0.52 -15.51 -30.46
C THR B 325 -1.10 -15.85 -29.08
N VAL B 326 -1.87 -14.92 -28.49
CA VAL B 326 -2.44 -15.16 -27.17
C VAL B 326 -3.80 -15.86 -27.27
N PHE B 327 -3.82 -17.18 -27.11
CA PHE B 327 -5.05 -17.93 -27.23
C PHE B 327 -5.80 -18.25 -25.92
N VAL B 328 -6.11 -17.19 -25.17
CA VAL B 328 -6.87 -17.25 -23.93
C VAL B 328 -7.74 -16.00 -24.02
N PRO B 329 -8.78 -15.89 -23.18
CA PRO B 329 -9.65 -14.71 -23.21
C PRO B 329 -8.93 -13.40 -22.97
N LEU B 330 -9.38 -12.35 -23.65
CA LEU B 330 -8.80 -11.03 -23.48
C LEU B 330 -9.93 -10.12 -23.02
N THR B 331 -9.63 -9.29 -22.04
CA THR B 331 -10.61 -8.36 -21.53
C THR B 331 -10.02 -6.96 -21.61
N VAL B 332 -10.86 -6.00 -21.98
CA VAL B 332 -10.42 -4.62 -22.10
C VAL B 332 -11.42 -3.74 -21.35
N GLY B 333 -10.90 -2.87 -20.49
CA GLY B 333 -11.77 -1.99 -19.73
C GLY B 333 -11.32 -0.56 -19.88
N GLY B 334 -12.27 0.35 -20.11
CA GLY B 334 -11.92 1.75 -20.25
C GLY B 334 -12.24 2.30 -21.64
N GLY B 335 -13.19 3.23 -21.68
CA GLY B 335 -13.56 3.82 -22.96
C GLY B 335 -14.76 3.16 -23.62
N ILE B 336 -15.33 2.16 -22.97
CA ILE B 336 -16.48 1.47 -23.53
C ILE B 336 -17.72 2.18 -23.03
N LYS B 337 -18.14 3.20 -23.78
CA LYS B 337 -19.31 4.01 -23.44
C LYS B 337 -19.77 4.74 -24.68
N ASP B 338 -20.87 5.48 -24.58
CA ASP B 338 -21.36 6.24 -25.73
C ASP B 338 -20.31 7.32 -25.97
N ILE B 339 -19.93 7.51 -27.23
CA ILE B 339 -18.93 8.53 -27.55
C ILE B 339 -19.28 9.30 -28.82
N VAL B 340 -18.67 10.46 -28.98
CA VAL B 340 -18.86 11.29 -30.14
C VAL B 340 -17.50 11.23 -30.85
N ASP B 341 -17.49 10.65 -32.04
CA ASP B 341 -16.25 10.50 -32.79
C ASP B 341 -15.67 11.86 -33.17
N VAL B 342 -14.52 11.83 -33.84
CA VAL B 342 -13.85 13.05 -34.26
C VAL B 342 -14.66 13.82 -35.31
N ASP B 343 -15.51 13.12 -36.05
CA ASP B 343 -16.33 13.75 -37.07
C ASP B 343 -17.71 14.14 -36.54
N GLY B 344 -17.88 14.07 -35.23
CA GLY B 344 -19.16 14.43 -34.63
C GLY B 344 -20.20 13.32 -34.59
N THR B 345 -19.88 12.21 -35.26
CA THR B 345 -20.80 11.06 -35.30
C THR B 345 -21.01 10.47 -33.90
N LYS B 346 -22.27 10.35 -33.50
CA LYS B 346 -22.57 9.78 -32.20
C LYS B 346 -22.53 8.26 -32.31
N ILE B 347 -21.65 7.65 -31.53
CA ILE B 347 -21.50 6.19 -31.54
C ILE B 347 -21.84 5.62 -30.17
N PRO B 348 -22.93 4.83 -30.10
CA PRO B 348 -23.34 4.22 -28.83
C PRO B 348 -22.40 3.13 -28.33
N ALA B 349 -22.40 2.93 -27.01
CA ALA B 349 -21.56 1.93 -26.36
C ALA B 349 -21.54 0.60 -27.09
N LEU B 350 -22.71 0.15 -27.52
CA LEU B 350 -22.83 -1.12 -28.22
C LEU B 350 -21.91 -1.22 -29.43
N GLU B 351 -21.87 -0.17 -30.23
CA GLU B 351 -21.02 -0.19 -31.42
C GLU B 351 -19.54 -0.08 -31.07
N VAL B 352 -19.24 0.64 -29.99
CA VAL B 352 -17.86 0.77 -29.56
C VAL B 352 -17.37 -0.62 -29.12
N ALA B 353 -18.19 -1.33 -28.36
CA ALA B 353 -17.83 -2.66 -27.90
C ALA B 353 -17.61 -3.61 -29.08
N SER B 354 -18.52 -3.57 -30.05
CA SER B 354 -18.40 -4.43 -31.22
C SER B 354 -17.08 -4.20 -31.91
N LEU B 355 -16.61 -2.96 -31.89
CA LEU B 355 -15.34 -2.63 -32.52
C LEU B 355 -14.21 -3.35 -31.78
N TYR B 356 -14.22 -3.29 -30.45
CA TYR B 356 -13.20 -3.94 -29.64
C TYR B 356 -13.30 -5.46 -29.77
N PHE B 357 -14.51 -5.99 -29.78
CA PHE B 357 -14.71 -7.42 -29.90
C PHE B 357 -14.11 -7.88 -31.23
N ARG B 358 -14.52 -7.26 -32.32
CA ARG B 358 -14.00 -7.63 -33.63
C ARG B 358 -12.49 -7.45 -33.68
N SER B 359 -11.95 -6.65 -32.76
CA SER B 359 -10.50 -6.40 -32.73
C SER B 359 -9.71 -7.45 -31.95
N GLY B 360 -10.40 -8.24 -31.12
CA GLY B 360 -9.73 -9.27 -30.36
C GLY B 360 -10.20 -9.42 -28.92
N ALA B 361 -10.95 -8.44 -28.43
CA ALA B 361 -11.46 -8.51 -27.07
C ALA B 361 -12.59 -9.54 -26.99
N ASP B 362 -12.72 -10.21 -25.84
CA ASP B 362 -13.77 -11.20 -25.64
C ASP B 362 -14.77 -10.66 -24.62
N LYS B 363 -14.31 -9.70 -23.81
CA LYS B 363 -15.15 -9.08 -22.79
C LYS B 363 -14.81 -7.61 -22.61
N VAL B 364 -15.79 -6.81 -22.21
CA VAL B 364 -15.57 -5.39 -21.96
C VAL B 364 -15.89 -5.09 -20.51
N SER B 365 -15.09 -4.22 -19.90
CA SER B 365 -15.31 -3.85 -18.51
C SER B 365 -15.94 -2.46 -18.42
N ILE B 366 -17.08 -2.37 -17.73
CA ILE B 366 -17.76 -1.08 -17.56
C ILE B 366 -17.47 -0.57 -16.15
N GLY B 367 -17.06 0.69 -16.05
CA GLY B 367 -16.75 1.28 -14.76
C GLY B 367 -17.73 2.35 -14.30
N THR B 368 -17.40 3.60 -14.60
CA THR B 368 -18.25 4.73 -14.20
C THR B 368 -19.71 4.60 -14.65
N ASP B 369 -19.95 4.35 -15.93
CA ASP B 369 -21.33 4.22 -16.41
C ASP B 369 -22.12 3.20 -15.59
N ALA B 370 -21.44 2.18 -15.08
CA ALA B 370 -22.09 1.15 -14.28
C ALA B 370 -22.75 1.76 -13.05
N VAL B 371 -22.12 2.77 -12.47
CA VAL B 371 -22.67 3.43 -11.28
C VAL B 371 -23.90 4.26 -11.68
N TYR B 372 -23.78 4.99 -12.79
CA TYR B 372 -24.89 5.82 -13.26
C TYR B 372 -26.07 4.89 -13.54
N ALA B 373 -25.79 3.77 -14.20
CA ALA B 373 -26.83 2.81 -14.52
C ALA B 373 -27.54 2.32 -13.27
N ALA B 374 -26.77 1.84 -12.30
CA ALA B 374 -27.33 1.33 -11.07
C ALA B 374 -28.21 2.39 -10.42
N GLU B 375 -27.69 3.61 -10.33
CA GLU B 375 -28.43 4.71 -9.71
C GLU B 375 -29.76 4.93 -10.42
N LYS B 376 -29.71 5.02 -11.74
CA LYS B 376 -30.94 5.22 -12.50
C LYS B 376 -31.87 4.04 -12.25
N TYR B 377 -31.28 2.85 -12.25
CA TYR B 377 -32.01 1.60 -12.03
C TYR B 377 -32.96 1.68 -10.81
N TYR B 378 -32.47 2.22 -9.71
CA TYR B 378 -33.31 2.32 -8.52
C TYR B 378 -34.34 3.44 -8.62
N GLU B 379 -34.01 4.46 -9.40
CA GLU B 379 -34.90 5.59 -9.59
C GLU B 379 -36.15 5.13 -10.33
N LEU B 380 -35.95 4.16 -11.23
CA LEU B 380 -37.06 3.60 -12.01
C LEU B 380 -37.78 2.51 -11.24
N GLY B 381 -37.47 2.38 -9.96
CA GLY B 381 -38.12 1.37 -9.14
C GLY B 381 -37.64 -0.05 -9.40
N ASN B 382 -36.31 -0.23 -9.39
CA ASN B 382 -35.70 -1.54 -9.61
C ASN B 382 -35.99 -2.12 -11.00
N ARG B 383 -35.86 -1.28 -12.02
CA ARG B 383 -36.09 -1.70 -13.40
C ARG B 383 -35.11 -0.91 -14.29
N GLY B 384 -34.88 -1.40 -15.50
CA GLY B 384 -33.98 -0.72 -16.39
C GLY B 384 -34.75 -0.17 -17.58
N ASP B 385 -34.19 0.83 -18.26
CA ASP B 385 -34.84 1.42 -19.43
C ASP B 385 -34.22 0.85 -20.70
N GLY B 386 -33.36 -0.16 -20.54
CA GLY B 386 -32.70 -0.78 -21.67
C GLY B 386 -31.80 0.13 -22.47
N THR B 387 -31.33 1.22 -21.85
CA THR B 387 -30.47 2.17 -22.56
C THR B 387 -29.02 2.18 -22.10
N SER B 388 -28.73 1.51 -20.99
CA SER B 388 -27.37 1.47 -20.46
C SER B 388 -26.46 0.55 -21.26
N PRO B 389 -25.15 0.84 -21.28
CA PRO B 389 -24.18 0.02 -22.01
C PRO B 389 -24.26 -1.43 -21.54
N ILE B 390 -24.61 -1.61 -20.28
CA ILE B 390 -24.74 -2.95 -19.71
C ILE B 390 -25.85 -3.71 -20.42
N GLU B 391 -27.01 -3.08 -20.54
CA GLU B 391 -28.16 -3.70 -21.21
C GLU B 391 -27.97 -3.96 -22.69
N THR B 392 -27.52 -2.94 -23.43
CA THR B 392 -27.32 -3.06 -24.87
C THR B 392 -26.26 -4.11 -25.25
N ILE B 393 -25.14 -4.11 -24.53
CA ILE B 393 -24.08 -5.05 -24.83
C ILE B 393 -24.42 -6.48 -24.42
N SER B 394 -25.00 -6.65 -23.23
CA SER B 394 -25.35 -7.99 -22.76
C SER B 394 -26.48 -8.62 -23.57
N LYS B 395 -27.42 -7.80 -24.04
CA LYS B 395 -28.53 -8.32 -24.83
C LYS B 395 -28.06 -8.79 -26.21
N ALA B 396 -27.04 -8.13 -26.74
CA ALA B 396 -26.51 -8.50 -28.05
C ALA B 396 -25.53 -9.65 -27.93
N TYR B 397 -24.56 -9.51 -27.02
CA TYR B 397 -23.53 -10.52 -26.85
C TYR B 397 -23.65 -11.49 -25.67
N GLY B 398 -24.63 -11.28 -24.80
CA GLY B 398 -24.76 -12.16 -23.64
C GLY B 398 -24.10 -11.54 -22.43
N ALA B 399 -24.60 -11.90 -21.24
CA ALA B 399 -24.05 -11.38 -19.99
C ALA B 399 -22.55 -11.68 -19.88
N GLN B 400 -22.15 -12.84 -20.34
CA GLN B 400 -20.76 -13.27 -20.28
C GLN B 400 -19.78 -12.31 -20.96
N ALA B 401 -20.30 -11.33 -21.70
CA ALA B 401 -19.41 -10.41 -22.38
C ALA B 401 -19.26 -9.09 -21.63
N VAL B 402 -20.08 -8.90 -20.61
CA VAL B 402 -20.00 -7.67 -19.84
C VAL B 402 -19.48 -7.86 -18.43
N VAL B 403 -18.39 -7.16 -18.12
CA VAL B 403 -17.75 -7.20 -16.80
C VAL B 403 -17.94 -5.83 -16.14
N ILE B 404 -18.23 -5.82 -14.84
CA ILE B 404 -18.41 -4.57 -14.12
C ILE B 404 -17.21 -4.35 -13.22
N SER B 405 -16.49 -3.25 -13.43
CA SER B 405 -15.34 -2.95 -12.61
C SER B 405 -15.85 -2.07 -11.48
N VAL B 406 -15.74 -2.58 -10.26
CA VAL B 406 -16.21 -1.87 -9.06
C VAL B 406 -15.05 -1.38 -8.20
N ASP B 407 -15.12 -0.10 -7.81
CA ASP B 407 -14.08 0.53 -7.00
C ASP B 407 -14.68 1.04 -5.70
N PRO B 408 -14.87 0.15 -4.71
CA PRO B 408 -15.43 0.50 -3.40
C PRO B 408 -14.44 0.96 -2.33
N LYS B 409 -14.99 1.46 -1.23
CA LYS B 409 -14.20 1.96 -0.11
C LYS B 409 -14.99 1.78 1.19
N ARG B 410 -14.40 1.10 2.17
CA ARG B 410 -15.11 0.86 3.42
C ARG B 410 -15.51 2.14 4.17
N VAL B 411 -16.70 2.10 4.75
CA VAL B 411 -17.24 3.21 5.53
C VAL B 411 -17.97 2.65 6.74
N TYR B 412 -17.50 3.03 7.93
CA TYR B 412 -18.10 2.54 9.17
C TYR B 412 -19.31 3.33 9.65
N VAL B 413 -20.13 2.67 10.46
CA VAL B 413 -21.34 3.27 11.05
C VAL B 413 -21.68 2.47 12.31
N ASN B 414 -22.38 3.11 13.25
CA ASN B 414 -22.75 2.44 14.51
C ASN B 414 -23.71 1.27 14.29
N SER B 415 -24.66 1.44 13.38
CA SER B 415 -25.63 0.40 13.07
C SER B 415 -26.28 0.67 11.72
N GLN B 416 -27.07 -0.30 11.24
CA GLN B 416 -27.76 -0.17 9.96
C GLN B 416 -28.61 1.10 9.94
N ALA B 417 -28.94 1.58 11.12
CA ALA B 417 -29.77 2.76 11.29
C ALA B 417 -29.09 4.07 10.83
N ASP B 418 -27.79 4.02 10.59
CA ASP B 418 -27.06 5.22 10.18
C ASP B 418 -27.02 5.47 8.68
N THR B 419 -27.44 4.49 7.90
CA THR B 419 -27.42 4.65 6.45
C THR B 419 -28.50 3.83 5.75
N LYS B 420 -28.85 4.27 4.55
CA LYS B 420 -29.85 3.59 3.75
C LYS B 420 -29.25 2.31 3.13
N ASN B 421 -27.96 2.35 2.83
CA ASN B 421 -27.26 1.23 2.23
C ASN B 421 -27.09 0.04 3.16
N LYS B 422 -27.16 -1.15 2.58
CA LYS B 422 -27.00 -2.39 3.34
C LYS B 422 -25.61 -2.44 3.98
N VAL B 423 -25.56 -2.78 5.27
CA VAL B 423 -24.29 -2.88 5.98
C VAL B 423 -24.12 -4.30 6.47
N PHE B 424 -22.95 -4.61 7.03
CA PHE B 424 -22.72 -5.94 7.57
C PHE B 424 -21.77 -5.89 8.76
N GLU B 425 -21.95 -6.80 9.71
CA GLU B 425 -21.10 -6.82 10.89
C GLU B 425 -19.69 -7.26 10.48
N THR B 426 -18.72 -6.39 10.72
CA THR B 426 -17.34 -6.68 10.38
C THR B 426 -16.58 -7.22 11.57
N GLU B 427 -15.54 -8.01 11.30
CA GLU B 427 -14.72 -8.58 12.36
C GLU B 427 -13.74 -7.53 12.88
N TYR B 428 -13.60 -6.43 12.15
CA TYR B 428 -12.67 -5.37 12.55
C TYR B 428 -13.37 -4.04 12.79
N PRO B 429 -13.50 -3.64 14.07
CA PRO B 429 -14.15 -2.39 14.46
C PRO B 429 -13.52 -1.15 13.87
N GLY B 430 -14.32 -0.09 13.74
CA GLY B 430 -13.82 1.16 13.18
C GLY B 430 -13.10 2.05 14.19
N PRO B 431 -12.66 3.25 13.77
CA PRO B 431 -11.95 4.18 14.65
C PRO B 431 -12.66 4.39 15.99
N ASN B 432 -13.99 4.41 15.97
CA ASN B 432 -14.78 4.64 17.18
C ASN B 432 -15.47 3.36 17.68
N GLY B 433 -14.98 2.21 17.23
CA GLY B 433 -15.56 0.95 17.66
C GLY B 433 -16.76 0.48 16.85
N GLU B 434 -17.10 1.21 15.78
CA GLU B 434 -18.23 0.83 14.93
C GLU B 434 -18.04 -0.62 14.48
N LYS B 435 -19.05 -1.46 14.73
CA LYS B 435 -18.96 -2.87 14.36
C LYS B 435 -19.64 -3.24 13.04
N TYR B 436 -20.15 -2.24 12.33
CA TYR B 436 -20.80 -2.48 11.06
C TYR B 436 -20.23 -1.56 9.99
N CYS B 437 -20.45 -1.91 8.73
CA CYS B 437 -19.94 -1.11 7.63
C CYS B 437 -20.52 -1.49 6.29
N TRP B 438 -20.38 -0.58 5.33
CA TRP B 438 -20.81 -0.80 3.96
C TRP B 438 -19.67 -0.27 3.09
N TYR B 439 -19.68 -0.59 1.81
CA TYR B 439 -18.63 -0.10 0.93
C TYR B 439 -19.23 0.90 -0.05
N GLN B 440 -18.69 2.10 -0.06
CA GLN B 440 -19.17 3.16 -0.93
C GLN B 440 -18.42 3.10 -2.26
N CYS B 441 -19.16 3.26 -3.35
CA CYS B 441 -18.59 3.21 -4.69
C CYS B 441 -18.05 4.55 -5.19
N THR B 442 -17.11 4.49 -6.12
CA THR B 442 -16.51 5.69 -6.70
C THR B 442 -16.57 5.61 -8.22
N ILE B 443 -16.33 6.73 -8.88
CA ILE B 443 -16.35 6.79 -10.34
C ILE B 443 -15.18 7.63 -10.79
N LYS B 444 -15.05 7.80 -12.10
CA LYS B 444 -13.97 8.60 -12.66
C LYS B 444 -12.65 8.28 -11.98
N GLY B 445 -12.22 7.03 -12.12
CA GLY B 445 -10.97 6.60 -11.53
C GLY B 445 -10.90 6.77 -10.02
N GLY B 446 -12.03 6.60 -9.36
CA GLY B 446 -12.06 6.72 -7.90
C GLY B 446 -11.89 8.14 -7.38
N ARG B 447 -12.04 9.13 -8.26
CA ARG B 447 -11.90 10.52 -7.85
C ARG B 447 -13.15 11.07 -7.19
N GLU B 448 -14.30 10.49 -7.50
CA GLU B 448 -15.58 10.96 -6.96
C GLU B 448 -16.41 9.86 -6.31
N SER B 449 -16.98 10.15 -5.15
CA SER B 449 -17.81 9.19 -4.44
C SER B 449 -19.29 9.35 -4.78
N ARG B 450 -20.07 8.31 -4.52
CA ARG B 450 -21.50 8.31 -4.80
C ARG B 450 -22.22 7.70 -3.61
N ASP B 451 -23.47 8.09 -3.39
CA ASP B 451 -24.20 7.53 -2.26
C ASP B 451 -24.78 6.18 -2.66
N LEU B 452 -23.89 5.27 -3.03
CA LEU B 452 -24.29 3.95 -3.46
C LEU B 452 -23.34 2.92 -2.88
N GLY B 453 -23.89 1.86 -2.31
CA GLY B 453 -23.06 0.80 -1.74
C GLY B 453 -22.73 -0.21 -2.82
N VAL B 454 -21.68 -0.99 -2.61
CA VAL B 454 -21.29 -2.01 -3.59
C VAL B 454 -22.37 -3.08 -3.64
N TRP B 455 -23.05 -3.28 -2.52
CA TRP B 455 -24.12 -4.26 -2.44
C TRP B 455 -25.22 -3.86 -3.43
N GLU B 456 -25.60 -2.59 -3.40
CA GLU B 456 -26.63 -2.07 -4.29
C GLU B 456 -26.15 -1.99 -5.74
N LEU B 457 -24.90 -1.60 -5.93
CA LEU B 457 -24.36 -1.46 -7.27
C LEU B 457 -24.31 -2.79 -8.02
N THR B 458 -23.71 -3.80 -7.41
CA THR B 458 -23.59 -5.10 -8.05
C THR B 458 -24.93 -5.75 -8.34
N ARG B 459 -25.86 -5.66 -7.40
CA ARG B 459 -27.18 -6.25 -7.58
C ARG B 459 -27.93 -5.60 -8.74
N ALA B 460 -27.78 -4.29 -8.88
CA ALA B 460 -28.42 -3.56 -9.96
C ALA B 460 -27.81 -3.95 -11.31
N CYS B 461 -26.49 -3.96 -11.39
CA CYS B 461 -25.80 -4.31 -12.61
C CYS B 461 -26.09 -5.74 -13.05
N GLU B 462 -26.22 -6.64 -12.08
CA GLU B 462 -26.52 -8.03 -12.40
C GLU B 462 -27.91 -8.05 -13.04
N ALA B 463 -28.86 -7.42 -12.38
CA ALA B 463 -30.21 -7.34 -12.90
C ALA B 463 -30.17 -6.81 -14.34
N LEU B 464 -29.30 -5.83 -14.59
CA LEU B 464 -29.18 -5.22 -15.91
C LEU B 464 -28.50 -6.08 -16.98
N GLY B 465 -27.90 -7.19 -16.58
CA GLY B 465 -27.27 -8.04 -17.57
C GLY B 465 -25.77 -8.30 -17.47
N ALA B 466 -25.10 -7.73 -16.45
CA ALA B 466 -23.68 -7.96 -16.30
C ALA B 466 -23.44 -9.43 -15.97
N GLY B 467 -22.40 -10.02 -16.55
CA GLY B 467 -22.14 -11.42 -16.30
C GLY B 467 -21.02 -11.69 -15.32
N GLU B 468 -20.25 -10.65 -15.00
CA GLU B 468 -19.12 -10.82 -14.09
C GLU B 468 -18.82 -9.51 -13.34
N ILE B 469 -18.28 -9.63 -12.14
CA ILE B 469 -17.93 -8.46 -11.34
C ILE B 469 -16.43 -8.43 -11.08
N LEU B 470 -15.77 -7.35 -11.49
CA LEU B 470 -14.34 -7.20 -11.24
C LEU B 470 -14.31 -6.38 -9.96
N LEU B 471 -14.12 -7.07 -8.82
CA LEU B 471 -14.12 -6.41 -7.52
C LEU B 471 -12.79 -5.84 -7.03
N ASN B 472 -12.56 -4.56 -7.28
CA ASN B 472 -11.33 -3.92 -6.83
C ASN B 472 -11.61 -3.43 -5.41
N CYS B 473 -10.61 -2.78 -4.82
CA CYS B 473 -10.77 -2.23 -3.48
C CYS B 473 -9.77 -1.09 -3.37
N ILE B 474 -10.28 0.12 -3.33
CA ILE B 474 -9.45 1.30 -3.24
C ILE B 474 -8.43 1.22 -2.09
N ASP B 475 -8.88 0.79 -0.92
CA ASP B 475 -7.99 0.68 0.24
C ASP B 475 -6.84 -0.33 0.10
N LYS B 476 -7.05 -1.42 -0.63
CA LYS B 476 -6.00 -2.42 -0.78
C LYS B 476 -5.22 -2.31 -2.08
N ASP B 477 -5.69 -1.49 -3.00
CA ASP B 477 -5.00 -1.36 -4.28
C ASP B 477 -3.56 -0.91 -4.17
N GLY B 478 -2.66 -1.73 -4.73
CA GLY B 478 -1.23 -1.43 -4.70
C GLY B 478 -0.51 -1.88 -3.44
N SER B 479 -1.27 -2.19 -2.38
CA SER B 479 -0.71 -2.59 -1.11
C SER B 479 0.12 -3.87 -1.07
N ASN B 480 -0.20 -4.84 -1.93
CA ASN B 480 0.52 -6.10 -1.95
C ASN B 480 0.39 -6.84 -0.62
N SER B 481 -0.70 -6.58 0.10
CA SER B 481 -0.93 -7.23 1.40
C SER B 481 -2.13 -8.18 1.42
N GLY B 482 -2.60 -8.56 0.24
CA GLY B 482 -3.74 -9.48 0.17
C GLY B 482 -5.06 -8.80 -0.14
N TYR B 483 -6.08 -9.60 -0.44
CA TYR B 483 -7.41 -9.08 -0.77
C TYR B 483 -8.25 -8.75 0.47
N ASP B 484 -9.24 -7.86 0.29
CA ASP B 484 -10.14 -7.53 1.38
C ASP B 484 -11.14 -8.69 1.39
N LEU B 485 -10.90 -9.68 2.24
CA LEU B 485 -11.75 -10.86 2.32
C LEU B 485 -13.23 -10.67 2.67
N GLU B 486 -13.55 -9.74 3.56
CA GLU B 486 -14.95 -9.54 3.92
C GLU B 486 -15.67 -8.88 2.75
N LEU B 487 -14.94 -8.10 1.96
CA LEU B 487 -15.55 -7.44 0.82
C LEU B 487 -16.02 -8.49 -0.18
N ILE B 488 -15.12 -9.43 -0.49
CA ILE B 488 -15.43 -10.53 -1.40
C ILE B 488 -16.69 -11.24 -0.92
N GLU B 489 -16.67 -11.68 0.33
CA GLU B 489 -17.83 -12.38 0.90
C GLU B 489 -19.08 -11.52 0.87
N HIS B 490 -18.94 -10.22 1.08
CA HIS B 490 -20.06 -9.30 1.05
C HIS B 490 -20.69 -9.26 -0.34
N VAL B 491 -19.85 -9.18 -1.38
CA VAL B 491 -20.35 -9.13 -2.75
C VAL B 491 -20.93 -10.48 -3.17
N LYS B 492 -20.32 -11.56 -2.70
CA LYS B 492 -20.80 -12.89 -3.02
C LYS B 492 -22.18 -13.10 -2.43
N ASP B 493 -22.47 -12.47 -1.28
CA ASP B 493 -23.79 -12.59 -0.66
C ASP B 493 -24.80 -11.79 -1.48
N ALA B 494 -24.30 -10.76 -2.17
CA ALA B 494 -25.15 -9.88 -2.97
C ALA B 494 -25.59 -10.39 -4.34
N VAL B 495 -24.67 -10.94 -5.11
CA VAL B 495 -24.99 -11.40 -6.46
C VAL B 495 -24.75 -12.88 -6.73
N LYS B 496 -25.25 -13.32 -7.87
CA LYS B 496 -25.11 -14.70 -8.33
C LYS B 496 -24.25 -14.79 -9.57
N ILE B 497 -23.50 -13.73 -9.88
CA ILE B 497 -22.62 -13.77 -11.05
C ILE B 497 -21.21 -13.92 -10.53
N PRO B 498 -20.30 -14.46 -11.36
CA PRO B 498 -18.92 -14.63 -10.88
C PRO B 498 -18.34 -13.34 -10.32
N VAL B 499 -17.57 -13.46 -9.25
CA VAL B 499 -16.92 -12.33 -8.63
C VAL B 499 -15.42 -12.53 -8.67
N ILE B 500 -14.71 -11.58 -9.27
CA ILE B 500 -13.25 -11.64 -9.39
C ILE B 500 -12.61 -10.82 -8.29
N ALA B 501 -11.67 -11.41 -7.56
CA ALA B 501 -10.96 -10.69 -6.51
C ALA B 501 -9.79 -9.94 -7.14
N SER B 502 -9.78 -8.63 -6.96
CA SER B 502 -8.71 -7.78 -7.47
C SER B 502 -8.26 -6.84 -6.36
N SER B 503 -7.09 -6.22 -6.54
CA SER B 503 -6.55 -5.28 -5.53
C SER B 503 -5.98 -5.93 -4.27
N GLY B 504 -4.67 -5.82 -4.11
CA GLY B 504 -4.01 -6.34 -2.93
C GLY B 504 -3.08 -7.52 -3.15
N ALA B 505 -3.27 -8.26 -4.23
CA ALA B 505 -2.45 -9.42 -4.48
C ALA B 505 -0.97 -9.06 -4.58
N GLY B 506 -0.15 -9.74 -3.78
CA GLY B 506 1.28 -9.50 -3.80
C GLY B 506 2.08 -10.78 -3.93
N VAL B 507 1.62 -11.84 -3.26
CA VAL B 507 2.29 -13.14 -3.31
C VAL B 507 1.30 -14.28 -3.52
N PRO B 508 1.79 -15.46 -3.96
CA PRO B 508 0.94 -16.63 -4.20
C PRO B 508 -0.02 -16.91 -3.04
N GLU B 509 0.47 -16.81 -1.81
CA GLU B 509 -0.35 -17.07 -0.63
C GLU B 509 -1.66 -16.28 -0.59
N HIS B 510 -1.68 -15.10 -1.22
CA HIS B 510 -2.89 -14.29 -1.23
C HIS B 510 -3.95 -14.96 -2.10
N PHE B 511 -3.51 -15.59 -3.19
CA PHE B 511 -4.46 -16.28 -4.05
C PHE B 511 -5.03 -17.48 -3.29
N GLU B 512 -4.16 -18.19 -2.57
CA GLU B 512 -4.60 -19.36 -1.82
C GLU B 512 -5.62 -18.98 -0.76
N GLU B 513 -5.32 -17.88 -0.06
CA GLU B 513 -6.21 -17.41 0.99
C GLU B 513 -7.58 -17.06 0.41
N ALA B 514 -7.60 -16.37 -0.72
CA ALA B 514 -8.87 -16.01 -1.34
C ALA B 514 -9.67 -17.24 -1.78
N PHE B 515 -8.99 -18.23 -2.35
CA PHE B 515 -9.68 -19.42 -2.81
C PHE B 515 -10.13 -20.38 -1.69
N LEU B 516 -9.47 -20.31 -0.54
CA LEU B 516 -9.84 -21.19 0.57
C LEU B 516 -10.67 -20.52 1.64
N LYS B 517 -10.48 -19.22 1.82
CA LYS B 517 -11.23 -18.51 2.86
C LYS B 517 -12.42 -17.71 2.35
N THR B 518 -12.56 -17.60 1.04
CA THR B 518 -13.68 -16.87 0.46
C THR B 518 -14.22 -17.62 -0.72
N ARG B 519 -15.32 -17.12 -1.28
CA ARG B 519 -15.95 -17.74 -2.43
C ARG B 519 -15.57 -17.03 -3.74
N ALA B 520 -14.46 -16.30 -3.74
CA ALA B 520 -14.03 -15.61 -4.94
C ALA B 520 -14.02 -16.60 -6.11
N ASP B 521 -14.47 -16.16 -7.28
CA ASP B 521 -14.51 -17.03 -8.44
C ASP B 521 -13.25 -16.97 -9.29
N ALA B 522 -12.41 -15.98 -9.00
CA ALA B 522 -11.15 -15.82 -9.72
C ALA B 522 -10.29 -14.77 -9.02
N CYS B 523 -9.00 -14.79 -9.31
CA CYS B 523 -8.11 -13.83 -8.71
C CYS B 523 -7.31 -13.14 -9.80
N LEU B 524 -7.19 -11.84 -9.67
CA LEU B 524 -6.45 -11.05 -10.63
C LEU B 524 -5.20 -10.44 -9.99
N GLY B 525 -4.10 -10.47 -10.71
CA GLY B 525 -2.86 -9.89 -10.24
C GLY B 525 -2.34 -8.94 -11.31
N ALA B 526 -1.66 -7.88 -10.90
CA ALA B 526 -1.14 -6.93 -11.87
C ALA B 526 0.35 -6.64 -11.64
N GLY B 527 0.63 -5.70 -10.75
CA GLY B 527 2.00 -5.34 -10.44
C GLY B 527 2.91 -6.50 -10.07
N MET B 528 2.43 -7.44 -9.25
CA MET B 528 3.29 -8.56 -8.87
C MET B 528 3.75 -9.33 -10.10
N PHE B 529 2.90 -9.43 -11.12
CA PHE B 529 3.27 -10.14 -12.34
C PHE B 529 4.09 -9.22 -13.22
N HIS B 530 3.74 -7.95 -13.19
CA HIS B 530 4.42 -6.92 -13.99
C HIS B 530 5.86 -6.64 -13.55
N ARG B 531 6.09 -6.62 -12.24
CA ARG B 531 7.43 -6.39 -11.72
C ARG B 531 8.25 -7.68 -11.74
N GLY B 532 7.65 -8.77 -12.24
CA GLY B 532 8.36 -10.03 -12.32
C GLY B 532 8.64 -10.70 -10.98
N GLU B 533 8.11 -10.12 -9.90
CA GLU B 533 8.30 -10.69 -8.57
C GLU B 533 7.85 -12.16 -8.57
N PHE B 534 6.76 -12.42 -9.28
CA PHE B 534 6.23 -13.78 -9.42
C PHE B 534 5.62 -13.86 -10.81
N THR B 535 5.42 -15.08 -11.30
CA THR B 535 4.79 -15.28 -12.59
C THR B 535 3.46 -15.98 -12.31
N VAL B 536 2.57 -16.03 -13.29
CA VAL B 536 1.30 -16.70 -13.08
C VAL B 536 1.59 -18.16 -12.70
N ASN B 537 2.65 -18.72 -13.30
CA ASN B 537 3.02 -20.09 -13.00
C ASN B 537 3.52 -20.28 -11.56
N ASP B 538 4.23 -19.28 -11.03
CA ASP B 538 4.71 -19.39 -9.66
C ASP B 538 3.47 -19.55 -8.78
N VAL B 539 2.46 -18.75 -9.06
CA VAL B 539 1.22 -18.80 -8.29
C VAL B 539 0.51 -20.15 -8.49
N LYS B 540 0.48 -20.62 -9.73
CA LYS B 540 -0.17 -21.88 -10.03
C LYS B 540 0.56 -23.05 -9.37
N GLU B 541 1.89 -23.01 -9.41
CA GLU B 541 2.67 -24.09 -8.80
C GLU B 541 2.33 -24.17 -7.30
N TYR B 542 2.27 -23.00 -6.67
CA TYR B 542 1.96 -22.90 -5.25
C TYR B 542 0.59 -23.48 -4.94
N LEU B 543 -0.43 -22.98 -5.63
CA LEU B 543 -1.79 -23.47 -5.44
C LEU B 543 -1.85 -24.99 -5.67
N LEU B 544 -1.26 -25.44 -6.77
CA LEU B 544 -1.22 -26.85 -7.12
C LEU B 544 -0.60 -27.64 -5.94
N GLU B 545 0.58 -27.20 -5.51
CA GLU B 545 1.27 -27.82 -4.41
C GLU B 545 0.39 -27.86 -3.15
N HIS B 546 -0.66 -27.04 -3.13
CA HIS B 546 -1.54 -26.99 -1.98
C HIS B 546 -2.92 -27.59 -2.20
N GLY B 547 -3.05 -28.49 -3.16
CA GLY B 547 -4.31 -29.16 -3.40
C GLY B 547 -5.37 -28.50 -4.27
N LEU B 548 -5.12 -27.28 -4.74
CA LEU B 548 -6.09 -26.59 -5.58
C LEU B 548 -5.93 -27.04 -7.04
N LYS B 549 -6.99 -26.92 -7.84
CA LYS B 549 -6.91 -27.30 -9.25
C LYS B 549 -6.64 -26.06 -10.10
N VAL B 550 -5.59 -26.10 -10.91
CA VAL B 550 -5.29 -24.97 -11.77
C VAL B 550 -4.99 -25.44 -13.19
N ARG B 551 -5.29 -24.61 -14.17
CA ARG B 551 -5.00 -24.95 -15.56
C ARG B 551 -3.48 -25.01 -15.73
N MET B 552 -3.00 -26.13 -16.25
CA MET B 552 -1.58 -26.32 -16.51
C MET B 552 -1.55 -26.88 -17.91
N ASP B 553 -1.37 -26.00 -18.90
CA ASP B 553 -1.39 -26.37 -20.31
C ASP B 553 -0.05 -26.25 -20.99
S SO4 C . 11.75 17.88 39.63
O1 SO4 C . 11.59 18.16 38.19
O2 SO4 C . 12.30 19.06 40.32
O3 SO4 C . 12.68 16.75 39.80
O4 SO4 C . 10.43 17.54 40.20
S SO4 D . 25.24 11.34 -6.10
O1 SO4 D . 26.06 11.58 -4.89
O2 SO4 D . 24.98 12.62 -6.80
O3 SO4 D . 23.96 10.73 -5.69
O4 SO4 D . 25.94 10.40 -7.00
NI NI E . -8.66 -5.79 7.66
P1 POP F . 8.79 32.77 30.47
O1 POP F . 8.93 32.16 29.12
O2 POP F . 9.92 33.67 30.80
O3 POP F . 8.60 31.72 31.53
O POP F . 7.46 33.69 30.41
P2 POP F . 5.96 33.74 30.96
O4 POP F . 5.47 34.34 32.19
O5 POP F . 5.58 34.79 29.98
O6 POP F . 5.35 32.48 30.47
S SO4 G . -23.69 -42.42 -19.61
O1 SO4 G . -22.93 -41.18 -19.74
O2 SO4 G . -24.32 -42.48 -18.28
O3 SO4 G . -22.78 -43.57 -19.76
O4 SO4 G . -24.74 -42.48 -20.66
S SO4 H . -14.50 3.83 -17.42
O1 SO4 H . -13.26 3.06 -17.23
O2 SO4 H . -14.96 4.37 -16.11
O3 SO4 H . -15.54 2.93 -17.98
O4 SO4 H . -14.25 4.96 -18.34
NI NI I . -0.88 -28.37 -51.51
P1 POP J . 0.15 -3.70 -7.91
O1 POP J . 0.63 -3.08 -9.18
O2 POP J . 0.57 -2.90 -6.74
O3 POP J . 0.60 -5.11 -7.76
O POP J . -1.47 -3.65 -7.97
P2 POP J . -2.80 -4.55 -7.74
O4 POP J . -3.55 -4.68 -6.49
O5 POP J . -3.66 -3.59 -8.47
O6 POP J . -2.64 -5.71 -8.63
#